data_8HPF
#
_entry.id   8HPF
#
_cell.length_a   1.00
_cell.length_b   1.00
_cell.length_c   1.00
_cell.angle_alpha   90.00
_cell.angle_beta   90.00
_cell.angle_gamma   90.00
#
_symmetry.space_group_name_H-M   'P 1'
#
loop_
_entity.id
_entity.type
_entity.pdbx_description
1 polymer "Spike protein S2'"
2 polymer 'fab L4.65'
3 polymer 'fab L4.65'
4 polymer 'fab L5.34'
5 polymer 'fab L5.34'
6 non-polymer 2-acetamido-2-deoxy-beta-D-glucopyranose
#
loop_
_entity_poly.entity_id
_entity_poly.type
_entity_poly.pdbx_seq_one_letter_code
_entity_poly.pdbx_strand_id
1 'polypeptide(L)'
;LCPFDEVFNATRFASVYAWNRKRISNCVADYSVLYNFAPFFAFKCYGVSPTKLNDLCFTNVYADSFVIRGNEVSQIAPGQ
TGNIADYNYKLPDDFTGCVIAWNSNKLDSKVGGNYNYLYRLFRKSNLKPFERDISTEIYQAGNKPCNGVAGFNCYFPLRS
YGFRPTYGVGHQPYRVVVLSFELLHAPATVCGP
;
A
2 'polypeptide(L)'
;EIVLTQSPGTLSLSPGERATLSCRASQSFDSRYLGWYQQKSGQAPRLLIYGASSRATGIPDRFSGSGSGTDFTLTISRLE
PEDFAVYYCQQFGDSPFTFGQGTKLEIKRTVAAPSVFIFPPSDEQLKSGTASVVCLLNNFYPREAKVQWKVDNALQSGNS
QESVTEQDSKDSTYSLSSTLTLSKADYEKHKVYACEVTHQGLSSPVTKSFNRGEC
;
L
3 'polypeptide(L)'
;QITLKESGPTLVKPTQTLTLTCTFSGFSLSTSGVGVAWIRQPPGKALEWLALIYWDNDKRSSPSLNNRLTITKDTSKNQV
VLTMTNMDPEDTATYYCAHFFSHYDSSNYYYGSWFDPWGQGTLVTVSSASTKGPSVFPLAPSSKSTSGGTAALGCLVKDY
FPEPVTVSWNSGALTSGVHTFPAVLQSSGLYSLSSVVTVPSSSLGTQTYICNVNHKPSNTKVDKRVEPKSC
;
H
4 'polypeptide(L)'
;VQLVESGGGLVQPGGSLRLSCAASEITVSSNYMNWVRQAPGKGLEWVSVVYPGGSTFYTDSVKGRFTISRDNSKNTLYLQ
MNSLRAEDTAVYYCARESGGFPLAEGAFDIWGQGTMVTVSSASTKGPSVFPLAPSSKSTSGGTAALGCLVKDYFPEPVTV
SWNSGALTSGVHTFPAVLQSSGLYSLSSVVTVPSSSLGTQTYICNVNHKPSNTKVDKRVEPKSC
;
M
5 'polypeptide(L)'
;DIQMTQSPSSLSASVGDRVSITCRASQSISTHLHWYQQKPGKAPKLLISAASTLQSGVPSRFSGSGSGTDFTLTITSLQP
EDFATYYCQQSYSTPRGLSFGGGTKVEIKRTVAAPSVFIFPPSDEQLKSGTASVVCLLNNFYPREAKVQWKVDNALQSGN
SQESVTEQDSKDSTYSLSSTLTLSKADYEKHKVYACEVTHQGLSSPVTKSFNRGEC
;
N
#
loop_
_chem_comp.id
_chem_comp.type
_chem_comp.name
_chem_comp.formula
NAG D-saccharide, beta linking 2-acetamido-2-deoxy-beta-D-glucopyranose 'C8 H15 N O6'
#
# COMPACT_ATOMS: atom_id res chain seq x y z
N LEU A 1 -26.75 1.96 47.08
CA LEU A 1 -25.42 2.00 46.49
C LEU A 1 -25.45 1.56 45.03
N CYS A 2 -25.40 2.52 44.12
CA CYS A 2 -25.28 2.21 42.69
C CYS A 2 -23.86 2.58 42.23
N PRO A 3 -23.00 1.60 41.96
CA PRO A 3 -21.61 1.91 41.65
C PRO A 3 -21.43 2.44 40.23
N PHE A 4 -20.17 2.61 39.83
CA PHE A 4 -19.82 3.05 38.49
C PHE A 4 -19.30 1.91 37.61
N ASP A 5 -19.49 0.66 38.04
CA ASP A 5 -18.98 -0.46 37.27
C ASP A 5 -19.83 -0.75 36.04
N GLU A 6 -21.16 -0.58 36.14
CA GLU A 6 -22.04 -0.91 35.03
C GLU A 6 -21.79 -0.03 33.82
N VAL A 7 -21.12 1.11 33.99
CA VAL A 7 -20.80 2.02 32.89
C VAL A 7 -19.34 1.88 32.46
N PHE A 8 -18.42 1.83 33.43
CA PHE A 8 -17.01 1.65 33.10
C PHE A 8 -16.74 0.26 32.56
N ASN A 9 -17.24 -0.77 33.25
CA ASN A 9 -17.06 -2.14 32.80
C ASN A 9 -18.10 -2.50 31.75
N ALA A 10 -18.20 -1.69 30.70
CA ALA A 10 -19.17 -1.93 29.64
C ALA A 10 -18.54 -2.70 28.49
N THR A 11 -19.28 -3.68 27.96
CA THR A 11 -18.78 -4.46 26.84
C THR A 11 -18.55 -3.58 25.61
N ARG A 12 -19.49 -2.68 25.32
CA ARG A 12 -19.36 -1.77 24.19
C ARG A 12 -19.79 -0.37 24.61
N PHE A 13 -18.95 0.61 24.31
CA PHE A 13 -19.28 2.01 24.57
C PHE A 13 -20.09 2.56 23.41
N ALA A 14 -20.33 3.87 23.40
CA ALA A 14 -21.08 4.54 22.36
C ALA A 14 -20.17 5.45 21.55
N SER A 15 -20.60 5.73 20.32
CA SER A 15 -19.89 6.69 19.49
C SER A 15 -20.01 8.08 20.09
N VAL A 16 -19.03 8.93 19.78
CA VAL A 16 -18.99 10.27 20.37
C VAL A 16 -20.17 11.10 19.88
N TYR A 17 -20.58 10.92 18.63
CA TYR A 17 -21.72 11.67 18.11
C TYR A 17 -23.03 11.25 18.76
N ALA A 18 -23.08 10.07 19.36
CA ALA A 18 -24.25 9.55 20.06
C ALA A 18 -23.85 9.10 21.46
N TRP A 19 -23.14 9.97 22.19
CA TRP A 19 -22.58 9.60 23.48
C TRP A 19 -23.67 9.18 24.45
N ASN A 20 -23.36 8.18 25.27
CA ASN A 20 -24.33 7.67 26.24
C ASN A 20 -24.34 8.53 27.49
N ARG A 21 -25.51 8.67 28.10
CA ARG A 21 -25.68 9.45 29.31
C ARG A 21 -26.51 8.68 30.31
N LYS A 22 -25.97 8.51 31.52
CA LYS A 22 -26.65 7.81 32.61
C LYS A 22 -26.77 8.74 33.81
N ARG A 23 -27.96 8.79 34.39
CA ARG A 23 -28.19 9.55 35.62
C ARG A 23 -27.96 8.67 36.84
N ILE A 24 -27.50 9.31 37.92
CA ILE A 24 -27.24 8.62 39.18
C ILE A 24 -27.75 9.50 40.31
N SER A 25 -28.57 8.92 41.18
CA SER A 25 -29.11 9.62 42.33
C SER A 25 -29.52 8.61 43.38
N ASN A 26 -29.71 9.10 44.61
CA ASN A 26 -30.14 8.27 45.74
C ASN A 26 -29.21 7.08 45.96
N CYS A 27 -27.90 7.37 46.02
CA CYS A 27 -26.89 6.36 46.25
C CYS A 27 -25.76 6.96 47.06
N VAL A 28 -24.84 6.08 47.49
CA VAL A 28 -23.58 6.50 48.08
C VAL A 28 -22.51 6.40 47.01
N ALA A 29 -21.87 7.52 46.70
CA ALA A 29 -20.93 7.61 45.59
C ALA A 29 -19.51 7.53 46.12
N ASP A 30 -18.93 6.34 46.04
CA ASP A 30 -17.51 6.17 46.33
C ASP A 30 -16.68 6.39 45.07
N TYR A 31 -15.37 6.63 45.27
CA TYR A 31 -14.49 6.87 44.14
C TYR A 31 -13.15 6.15 44.30
N SER A 32 -13.05 5.17 45.19
CA SER A 32 -11.86 4.34 45.25
C SER A 32 -11.78 3.41 44.05
N VAL A 33 -12.93 3.06 43.46
CA VAL A 33 -12.93 2.21 42.28
C VAL A 33 -12.26 2.93 41.11
N LEU A 34 -12.43 4.25 41.02
CA LEU A 34 -11.78 5.01 39.97
C LEU A 34 -10.26 4.91 40.08
N TYR A 35 -9.74 4.99 41.30
CA TYR A 35 -8.30 4.81 41.51
C TYR A 35 -7.88 3.37 41.21
N ASN A 36 -8.71 2.41 41.59
CA ASN A 36 -8.41 0.99 41.38
C ASN A 36 -8.45 0.59 39.91
N PHE A 37 -8.94 1.45 39.03
CA PHE A 37 -9.14 1.12 37.62
C PHE A 37 -7.84 1.15 36.82
N ALA A 38 -7.97 1.17 35.50
CA ALA A 38 -6.90 1.05 34.51
C ALA A 38 -5.78 2.08 34.72
N PRO A 39 -4.62 1.92 34.05
CA PRO A 39 -3.52 2.90 34.19
C PRO A 39 -3.93 4.36 34.05
N PHE A 40 -5.11 4.64 33.50
CA PHE A 40 -5.73 5.97 33.55
C PHE A 40 -4.83 7.01 32.86
N PHE A 41 -4.71 6.84 31.54
CA PHE A 41 -3.98 7.77 30.67
C PHE A 41 -4.29 9.22 31.00
N ALA A 42 -5.56 9.51 31.33
CA ALA A 42 -5.95 10.87 31.71
C ALA A 42 -6.98 10.79 32.84
N PHE A 43 -6.75 11.58 33.88
CA PHE A 43 -7.70 11.73 34.99
C PHE A 43 -7.54 13.16 35.47
N LYS A 44 -8.37 14.05 34.94
CA LYS A 44 -8.28 15.46 35.29
C LYS A 44 -9.61 15.94 35.83
N CYS A 45 -9.57 16.94 36.72
CA CYS A 45 -10.80 17.36 37.36
C CYS A 45 -10.91 18.87 37.51
N TYR A 46 -12.04 19.43 37.07
CA TYR A 46 -12.28 20.87 37.06
C TYR A 46 -13.33 21.20 38.12
N GLY A 47 -13.03 22.20 38.95
CA GLY A 47 -13.89 22.56 40.05
C GLY A 47 -13.63 21.69 41.26
N VAL A 48 -14.08 20.44 41.19
CA VAL A 48 -13.85 19.48 42.27
C VAL A 48 -12.39 19.08 42.30
N SER A 49 -11.95 18.48 43.40
CA SER A 49 -10.61 17.95 43.54
C SER A 49 -10.66 16.44 43.72
N PRO A 50 -9.61 15.72 43.34
CA PRO A 50 -9.64 14.25 43.48
C PRO A 50 -9.93 13.76 44.89
N THR A 51 -9.37 14.44 45.90
CA THR A 51 -9.60 14.06 47.29
C THR A 51 -10.77 14.81 47.92
N LYS A 52 -11.44 15.67 47.17
CA LYS A 52 -12.53 16.48 47.71
C LYS A 52 -13.89 15.92 47.33
N LEU A 53 -14.03 15.39 46.10
CA LEU A 53 -15.32 14.91 45.62
C LEU A 53 -15.87 13.76 46.45
N ASN A 54 -15.00 13.05 47.18
CA ASN A 54 -15.46 11.94 48.01
C ASN A 54 -16.30 12.42 49.19
N ASP A 55 -16.17 13.67 49.61
CA ASP A 55 -16.81 14.17 50.82
C ASP A 55 -18.15 14.84 50.56
N LEU A 56 -18.16 15.90 49.76
CA LEU A 56 -19.36 16.72 49.60
C LEU A 56 -20.44 15.97 48.83
N CYS A 57 -21.69 16.25 49.19
CA CYS A 57 -22.84 15.59 48.60
C CYS A 57 -23.34 16.35 47.37
N PHE A 58 -23.92 15.60 46.43
CA PHE A 58 -24.44 16.16 45.19
C PHE A 58 -25.85 15.66 44.96
N THR A 59 -26.68 16.53 44.37
CA THR A 59 -28.06 16.13 44.06
C THR A 59 -28.09 15.06 42.96
N ASN A 60 -27.23 15.20 41.96
CA ASN A 60 -27.24 14.25 40.84
C ASN A 60 -25.83 14.07 40.31
N VAL A 61 -25.60 12.90 39.70
CA VAL A 61 -24.34 12.63 39.00
C VAL A 61 -24.68 12.16 37.60
N TYR A 62 -24.23 12.91 36.60
CA TYR A 62 -24.46 12.57 35.20
C TYR A 62 -23.17 12.00 34.63
N ALA A 63 -23.24 10.79 34.07
CA ALA A 63 -22.08 10.11 33.51
C ALA A 63 -22.26 9.99 32.01
N ASP A 64 -21.38 10.64 31.25
CA ASP A 64 -21.40 10.59 29.80
C ASP A 64 -20.23 9.74 29.33
N SER A 65 -20.52 8.72 28.54
CA SER A 65 -19.51 7.77 28.09
C SER A 65 -19.46 7.74 26.57
N PHE A 66 -18.24 7.68 26.04
CA PHE A 66 -18.05 7.54 24.59
C PHE A 66 -16.62 7.06 24.32
N VAL A 67 -16.31 6.88 23.04
CA VAL A 67 -15.00 6.46 22.57
C VAL A 67 -14.52 7.44 21.52
N ILE A 68 -13.28 7.92 21.67
CA ILE A 68 -12.69 8.87 20.74
C ILE A 68 -11.27 8.43 20.42
N ARG A 69 -10.57 9.25 19.65
CA ARG A 69 -9.16 9.03 19.37
C ARG A 69 -8.30 9.64 20.47
N GLY A 70 -7.07 9.13 20.58
CA GLY A 70 -6.13 9.68 21.54
C GLY A 70 -5.74 11.12 21.26
N ASN A 71 -5.81 11.54 20.00
CA ASN A 71 -5.49 12.91 19.65
C ASN A 71 -6.49 13.90 20.24
N GLU A 72 -7.76 13.50 20.31
CA GLU A 72 -8.84 14.38 20.70
C GLU A 72 -9.19 14.29 22.18
N VAL A 73 -8.42 13.53 22.96
CA VAL A 73 -8.69 13.43 24.40
C VAL A 73 -8.55 14.79 25.06
N SER A 74 -7.57 15.57 24.64
CA SER A 74 -7.41 16.93 25.16
C SER A 74 -8.57 17.84 24.78
N GLN A 75 -9.37 17.46 23.78
CA GLN A 75 -10.49 18.29 23.38
C GLN A 75 -11.66 18.21 24.35
N ILE A 76 -11.67 17.22 25.24
CA ILE A 76 -12.73 17.10 26.24
C ILE A 76 -12.29 17.92 27.44
N ALA A 77 -12.56 19.23 27.35
CA ALA A 77 -12.19 20.19 28.39
C ALA A 77 -12.95 21.48 28.17
N PRO A 78 -13.29 22.21 29.23
CA PRO A 78 -14.00 23.49 29.05
C PRO A 78 -13.17 24.48 28.26
N GLY A 79 -13.85 25.25 27.42
CA GLY A 79 -13.18 26.28 26.63
C GLY A 79 -12.17 25.75 25.63
N GLN A 80 -12.52 24.68 24.92
CA GLN A 80 -11.65 24.07 23.94
C GLN A 80 -12.30 24.07 22.56
N THR A 81 -11.47 24.10 21.53
CA THR A 81 -11.93 24.12 20.15
C THR A 81 -11.44 22.87 19.42
N GLY A 82 -12.24 22.45 18.44
CA GLY A 82 -11.90 21.27 17.67
C GLY A 82 -13.16 20.64 17.12
N ASN A 83 -12.94 19.61 16.29
CA ASN A 83 -14.07 18.92 15.65
C ASN A 83 -14.96 18.25 16.68
N ILE A 84 -14.35 17.53 17.63
CA ILE A 84 -15.13 16.85 18.67
C ILE A 84 -15.86 17.85 19.55
N ALA A 85 -15.16 18.93 19.94
CA ALA A 85 -15.78 19.93 20.80
C ALA A 85 -16.87 20.70 20.07
N ASP A 86 -16.71 20.94 18.77
CA ASP A 86 -17.67 21.77 18.05
C ASP A 86 -18.91 20.99 17.63
N TYR A 87 -18.74 19.76 17.16
CA TYR A 87 -19.85 19.05 16.52
C TYR A 87 -20.19 17.70 17.15
N ASN A 88 -19.45 17.26 18.16
CA ASN A 88 -19.72 15.96 18.76
C ASN A 88 -20.04 16.04 20.24
N TYR A 89 -19.24 16.75 21.03
CA TYR A 89 -19.44 16.81 22.47
C TYR A 89 -18.81 18.10 22.99
N LYS A 90 -19.64 18.99 23.51
CA LYS A 90 -19.18 20.29 23.99
C LYS A 90 -19.34 20.37 25.50
N LEU A 91 -18.25 20.70 26.19
CA LEU A 91 -18.24 20.91 27.64
C LEU A 91 -18.36 22.39 27.93
N PRO A 92 -19.21 22.80 28.87
CA PRO A 92 -19.36 24.23 29.16
C PRO A 92 -18.14 24.77 29.91
N ASP A 93 -17.95 26.09 29.77
CA ASP A 93 -16.84 26.73 30.46
C ASP A 93 -17.02 26.72 31.97
N ASP A 94 -18.28 26.71 32.43
CA ASP A 94 -18.60 26.63 33.85
C ASP A 94 -18.67 25.20 34.36
N PHE A 95 -18.12 24.24 33.60
CA PHE A 95 -18.23 22.83 33.94
C PHE A 95 -17.64 22.53 35.31
N THR A 96 -18.45 21.90 36.15
CA THR A 96 -18.01 21.40 37.46
C THR A 96 -18.11 19.88 37.42
N GLY A 97 -17.01 19.21 37.72
CA GLY A 97 -16.94 17.77 37.54
C GLY A 97 -15.64 17.42 36.86
N CYS A 98 -15.56 16.22 36.30
CA CYS A 98 -14.24 15.89 35.78
C CYS A 98 -14.25 14.69 34.84
N VAL A 99 -13.10 14.50 34.18
CA VAL A 99 -12.97 13.68 32.98
C VAL A 99 -11.96 12.58 33.23
N ILE A 100 -12.32 11.37 32.82
CA ILE A 100 -11.45 10.19 32.86
C ILE A 100 -11.35 9.63 31.45
N ALA A 101 -10.13 9.38 31.00
CA ALA A 101 -9.90 8.78 29.71
C ALA A 101 -8.83 7.71 29.85
N TRP A 102 -9.03 6.57 29.17
CA TRP A 102 -8.02 5.52 29.21
C TRP A 102 -7.99 4.77 27.88
N ASN A 103 -6.80 4.28 27.55
CA ASN A 103 -6.59 3.55 26.31
C ASN A 103 -7.34 2.22 26.33
N SER A 104 -8.02 1.92 25.22
CA SER A 104 -8.78 0.69 25.06
C SER A 104 -8.49 0.05 23.72
N ASN A 105 -7.20 -0.02 23.37
CA ASN A 105 -6.80 -0.64 22.10
C ASN A 105 -7.14 -2.13 22.07
N LYS A 106 -7.16 -2.78 23.23
CA LYS A 106 -7.49 -4.21 23.28
C LYS A 106 -8.92 -4.47 22.82
N LEU A 107 -9.86 -3.63 23.23
CA LEU A 107 -11.27 -3.92 23.03
C LEU A 107 -11.84 -3.31 21.75
N ASP A 108 -11.48 -2.06 21.44
CA ASP A 108 -12.11 -1.32 20.35
C ASP A 108 -11.30 -1.32 19.07
N SER A 109 -10.26 -2.16 18.97
CA SER A 109 -9.46 -2.29 17.77
C SER A 109 -9.51 -3.73 17.27
N LYS A 110 -9.71 -3.90 15.98
CA LYS A 110 -9.76 -5.21 15.36
C LYS A 110 -8.93 -5.20 14.08
N VAL A 111 -8.44 -6.38 13.71
CA VAL A 111 -7.66 -6.50 12.47
C VAL A 111 -8.55 -6.19 11.28
N GLY A 112 -8.05 -5.37 10.37
CA GLY A 112 -8.84 -4.90 9.25
C GLY A 112 -9.68 -3.68 9.55
N GLY A 113 -9.65 -3.18 10.78
CA GLY A 113 -10.40 -1.98 11.13
C GLY A 113 -11.70 -2.26 11.85
N ASN A 114 -12.00 -1.45 12.86
CA ASN A 114 -13.25 -1.53 13.61
C ASN A 114 -14.08 -0.29 13.25
N TYR A 115 -15.06 -0.48 12.36
CA TYR A 115 -15.86 0.63 11.83
C TYR A 115 -17.16 0.84 12.59
N ASN A 116 -17.21 0.47 13.87
CA ASN A 116 -18.42 0.60 14.67
C ASN A 116 -18.48 1.92 15.44
N TYR A 117 -17.45 2.75 15.38
CA TYR A 117 -17.41 4.01 16.07
C TYR A 117 -17.38 5.15 15.06
N LEU A 118 -18.32 6.07 15.18
CA LEU A 118 -18.49 7.16 14.22
C LEU A 118 -18.35 8.50 14.92
N TYR A 119 -17.96 9.52 14.15
CA TYR A 119 -17.92 10.89 14.60
C TYR A 119 -18.52 11.78 13.52
N ARG A 120 -19.04 12.93 13.94
CA ARG A 120 -19.67 13.86 13.02
C ARG A 120 -18.65 14.90 12.57
N LEU A 121 -18.41 14.96 11.26
CA LEU A 121 -17.42 15.87 10.68
C LEU A 121 -18.02 17.16 10.15
N PHE A 122 -19.27 17.13 9.70
CA PHE A 122 -19.91 18.28 9.08
C PHE A 122 -21.09 18.74 9.93
N ARG A 123 -21.13 20.04 10.21
CA ARG A 123 -22.28 20.65 10.89
C ARG A 123 -22.22 22.15 10.67
N LYS A 124 -23.38 22.75 10.39
CA LYS A 124 -23.44 24.18 10.12
C LYS A 124 -23.04 25.00 11.33
N SER A 125 -23.51 24.62 12.51
CA SER A 125 -23.32 25.40 13.73
C SER A 125 -22.58 24.57 14.78
N ASN A 126 -22.10 25.27 15.80
CA ASN A 126 -21.47 24.62 16.94
C ASN A 126 -22.53 24.06 17.89
N LEU A 127 -22.25 22.88 18.44
CA LEU A 127 -23.14 22.29 19.42
C LEU A 127 -23.20 23.14 20.68
N LYS A 128 -24.38 23.21 21.28
CA LYS A 128 -24.52 23.78 22.61
C LYS A 128 -23.94 22.81 23.64
N PRO A 129 -23.60 23.30 24.83
CA PRO A 129 -23.08 22.38 25.86
C PRO A 129 -24.07 21.27 26.16
N PHE A 130 -23.54 20.04 26.24
CA PHE A 130 -24.31 18.85 26.58
C PHE A 130 -25.45 18.62 25.58
N GLU A 131 -25.23 18.97 24.33
CA GLU A 131 -26.20 18.75 23.26
C GLU A 131 -25.91 17.44 22.54
N ARG A 132 -26.96 16.88 21.94
CA ARG A 132 -26.86 15.68 21.13
C ARG A 132 -27.43 15.94 19.76
N ASP A 133 -26.76 15.42 18.73
CA ASP A 133 -27.23 15.52 17.34
C ASP A 133 -26.99 14.15 16.69
N ILE A 134 -28.00 13.28 16.78
CA ILE A 134 -27.90 11.93 16.25
C ILE A 134 -28.48 11.80 14.86
N SER A 135 -29.00 12.89 14.29
CA SER A 135 -29.58 12.83 12.95
C SER A 135 -28.50 12.58 11.91
N THR A 136 -28.86 11.84 10.87
CA THR A 136 -27.97 11.54 9.75
C THR A 136 -28.63 12.06 8.48
N GLU A 137 -28.41 13.33 8.18
CA GLU A 137 -28.94 13.98 6.99
C GLU A 137 -27.79 14.39 6.09
N ILE A 138 -28.01 14.29 4.78
CA ILE A 138 -26.95 14.62 3.83
C ILE A 138 -26.58 16.09 3.97
N TYR A 139 -25.29 16.35 4.12
CA TYR A 139 -24.82 17.71 4.37
C TYR A 139 -24.65 18.46 3.07
N GLN A 140 -25.38 19.56 2.92
CA GLN A 140 -25.35 20.37 1.70
C GLN A 140 -24.22 21.38 1.83
N ALA A 141 -23.09 21.08 1.20
CA ALA A 141 -21.90 21.92 1.27
C ALA A 141 -21.84 22.97 0.17
N GLY A 142 -22.89 23.09 -0.65
CA GLY A 142 -22.90 24.07 -1.71
C GLY A 142 -24.29 24.57 -2.04
N ASN A 143 -24.42 25.28 -3.16
CA ASN A 143 -25.71 25.84 -3.55
C ASN A 143 -26.64 24.75 -4.09
N LYS A 144 -26.09 23.81 -4.84
CA LYS A 144 -26.92 22.77 -5.46
C LYS A 144 -27.56 21.90 -4.39
N PRO A 145 -28.87 21.72 -4.40
CA PRO A 145 -29.52 20.87 -3.40
C PRO A 145 -29.14 19.41 -3.56
N CYS A 146 -29.22 18.68 -2.45
CA CYS A 146 -28.86 17.26 -2.43
C CYS A 146 -30.08 16.37 -2.68
N ASN A 147 -31.18 16.62 -1.96
CA ASN A 147 -32.40 15.84 -2.07
C ASN A 147 -32.15 14.36 -1.79
N GLY A 148 -31.30 14.09 -0.79
CA GLY A 148 -31.00 12.73 -0.39
C GLY A 148 -29.98 12.01 -1.23
N VAL A 149 -29.41 12.66 -2.25
CA VAL A 149 -28.42 12.06 -3.12
C VAL A 149 -27.05 12.55 -2.69
N ALA A 150 -26.18 11.62 -2.29
CA ALA A 150 -24.83 11.96 -1.83
C ALA A 150 -23.90 12.02 -3.03
N GLY A 151 -24.03 13.11 -3.79
CA GLY A 151 -23.21 13.29 -4.97
C GLY A 151 -22.47 14.61 -4.99
N PHE A 152 -21.16 14.56 -5.24
CA PHE A 152 -20.26 15.72 -5.23
C PHE A 152 -20.43 16.39 -3.87
N ASN A 153 -20.61 17.71 -3.80
CA ASN A 153 -20.63 18.43 -2.52
C ASN A 153 -21.94 18.19 -1.78
N CYS A 154 -22.19 16.91 -1.49
CA CYS A 154 -23.33 16.48 -0.69
C CYS A 154 -22.87 15.20 0.02
N TYR A 155 -22.67 15.28 1.33
CA TYR A 155 -21.94 14.24 2.04
C TYR A 155 -22.74 13.70 3.22
N PHE A 156 -22.51 12.43 3.51
CA PHE A 156 -22.99 11.86 4.76
C PHE A 156 -22.17 12.43 5.91
N PRO A 157 -22.81 12.97 6.95
CA PRO A 157 -22.07 13.75 7.96
C PRO A 157 -21.38 12.92 9.03
N LEU A 158 -21.39 11.59 8.93
CA LEU A 158 -20.76 10.72 9.92
C LEU A 158 -19.68 9.89 9.26
N ARG A 159 -18.51 9.84 9.89
CA ARG A 159 -17.37 9.08 9.39
C ARG A 159 -16.83 8.20 10.51
N SER A 160 -16.39 6.99 10.14
CA SER A 160 -15.91 6.03 11.11
C SER A 160 -14.43 6.20 11.38
N TYR A 161 -14.04 5.95 12.63
CA TYR A 161 -12.63 5.86 12.96
C TYR A 161 -12.04 4.57 12.40
N GLY A 162 -10.72 4.57 12.22
CA GLY A 162 -10.04 3.36 11.79
C GLY A 162 -9.97 2.33 12.90
N PHE A 163 -9.29 2.69 13.99
CA PHE A 163 -9.16 1.83 15.17
C PHE A 163 -8.59 0.45 14.80
N ARG A 164 -7.37 0.48 14.29
CA ARG A 164 -6.63 -0.75 14.06
C ARG A 164 -5.62 -0.95 15.18
N PRO A 165 -5.34 -2.21 15.53
CA PRO A 165 -4.43 -2.46 16.68
C PRO A 165 -3.04 -1.89 16.49
N THR A 166 -2.57 -1.78 15.25
CA THR A 166 -1.23 -1.32 14.96
C THR A 166 -1.11 0.19 14.87
N TYR A 167 -2.21 0.92 15.04
CA TYR A 167 -2.18 2.37 14.94
C TYR A 167 -1.32 2.97 16.05
N GLY A 168 -0.86 4.19 15.81
CA GLY A 168 -0.12 4.92 16.81
C GLY A 168 -1.00 5.32 17.98
N VAL A 169 -0.34 5.74 19.06
CA VAL A 169 -1.06 6.10 20.28
C VAL A 169 -1.99 7.27 20.04
N GLY A 170 -1.66 8.15 19.10
CA GLY A 170 -2.52 9.28 18.80
C GLY A 170 -3.85 8.87 18.20
N HIS A 171 -3.84 7.84 17.35
CA HIS A 171 -5.05 7.37 16.69
C HIS A 171 -5.66 6.14 17.33
N GLN A 172 -5.07 5.63 18.41
CA GLN A 172 -5.65 4.48 19.09
C GLN A 172 -6.93 4.89 19.80
N PRO A 173 -7.86 3.95 20.00
CA PRO A 173 -9.13 4.30 20.65
C PRO A 173 -8.97 4.47 22.15
N TYR A 174 -9.58 5.53 22.68
CA TYR A 174 -9.60 5.81 24.10
C TYR A 174 -11.05 5.95 24.55
N ARG A 175 -11.38 5.28 25.65
CA ARG A 175 -12.70 5.39 26.27
C ARG A 175 -12.69 6.56 27.24
N VAL A 176 -13.75 7.38 27.19
CA VAL A 176 -13.85 8.60 27.96
C VAL A 176 -15.16 8.60 28.72
N VAL A 177 -15.07 8.84 30.03
CA VAL A 177 -16.22 9.03 30.90
C VAL A 177 -16.11 10.42 31.54
N VAL A 178 -17.17 11.20 31.42
CA VAL A 178 -17.25 12.54 31.99
C VAL A 178 -18.31 12.53 33.07
N LEU A 179 -17.94 12.99 34.27
CA LEU A 179 -18.84 13.05 35.40
C LEU A 179 -19.19 14.51 35.67
N SER A 180 -20.48 14.82 35.65
CA SER A 180 -21.00 16.14 35.98
C SER A 180 -21.78 16.03 37.28
N PHE A 181 -21.39 16.84 38.28
CA PHE A 181 -21.98 16.79 39.60
C PHE A 181 -22.91 17.97 39.78
N GLU A 182 -24.15 17.70 40.17
CA GLU A 182 -25.16 18.74 40.36
C GLU A 182 -25.54 18.80 41.83
N LEU A 183 -25.44 20.00 42.41
CA LEU A 183 -25.70 20.27 43.82
C LEU A 183 -26.69 21.42 43.96
N LEU A 184 -27.78 21.34 43.19
CA LEU A 184 -28.79 22.39 43.16
C LEU A 184 -29.45 22.56 44.53
N HIS A 185 -30.30 23.59 44.63
CA HIS A 185 -30.95 23.92 45.90
C HIS A 185 -31.81 22.79 46.43
N ALA A 186 -32.21 21.84 45.58
CA ALA A 186 -32.91 20.66 46.05
C ALA A 186 -32.02 19.86 46.99
N PRO A 187 -32.59 19.16 47.96
CA PRO A 187 -31.76 18.39 48.90
C PRO A 187 -30.87 17.39 48.17
N ALA A 188 -29.63 17.32 48.61
CA ALA A 188 -28.65 16.44 47.97
C ALA A 188 -28.91 14.99 48.35
N THR A 189 -28.50 14.08 47.45
CA THR A 189 -28.77 12.66 47.66
C THR A 189 -27.51 11.81 47.54
N VAL A 190 -26.59 12.19 46.65
CA VAL A 190 -25.44 11.36 46.32
C VAL A 190 -24.22 11.91 47.05
N CYS A 191 -23.74 11.15 48.03
CA CYS A 191 -22.53 11.51 48.76
C CYS A 191 -21.82 10.24 49.21
N GLY A 192 -20.53 10.39 49.50
CA GLY A 192 -19.72 9.26 49.90
C GLY A 192 -19.97 8.84 51.33
N PRO A 193 -19.34 7.72 51.71
CA PRO A 193 -19.49 7.14 53.06
C PRO A 193 -18.84 8.00 54.14
N GLU B 1 -6.61 -5.81 -3.00
CA GLU B 1 -6.33 -6.98 -2.18
C GLU B 1 -4.84 -7.28 -2.15
N ILE B 2 -4.31 -7.53 -0.95
CA ILE B 2 -2.89 -7.78 -0.78
C ILE B 2 -2.55 -9.18 -1.29
N VAL B 3 -1.56 -9.26 -2.17
CA VAL B 3 -1.12 -10.52 -2.76
C VAL B 3 0.26 -10.85 -2.23
N LEU B 4 0.40 -12.05 -1.69
CA LEU B 4 1.67 -12.52 -1.11
C LEU B 4 2.30 -13.54 -2.06
N THR B 5 3.57 -13.31 -2.41
CA THR B 5 4.32 -14.20 -3.28
C THR B 5 5.48 -14.80 -2.50
N GLN B 6 5.57 -16.12 -2.50
CA GLN B 6 6.62 -16.83 -1.77
C GLN B 6 7.71 -17.30 -2.72
N SER B 7 8.89 -17.53 -2.13
CA SER B 7 10.05 -18.02 -2.87
C SER B 7 10.95 -18.81 -1.94
N PRO B 8 11.49 -19.95 -2.39
CA PRO B 8 11.22 -20.54 -3.71
C PRO B 8 9.93 -21.35 -3.70
N GLY B 9 9.46 -21.76 -4.89
CA GLY B 9 8.29 -22.63 -4.95
C GLY B 9 8.54 -23.95 -4.25
N THR B 10 9.69 -24.56 -4.53
CA THR B 10 10.13 -25.77 -3.84
C THR B 10 11.56 -25.56 -3.37
N LEU B 11 11.89 -26.10 -2.21
CA LEU B 11 13.22 -26.00 -1.63
C LEU B 11 13.67 -27.39 -1.20
N SER B 12 14.61 -27.98 -1.93
CA SER B 12 15.10 -29.33 -1.66
C SER B 12 16.45 -29.22 -0.96
N LEU B 13 16.50 -29.66 0.30
CA LEU B 13 17.73 -29.67 1.08
C LEU B 13 17.72 -30.87 2.01
N SER B 14 18.92 -31.34 2.35
CA SER B 14 19.08 -32.39 3.34
C SER B 14 19.12 -31.79 4.74
N PRO B 15 18.86 -32.59 5.77
CA PRO B 15 18.99 -32.07 7.14
C PRO B 15 20.42 -31.63 7.43
N GLY B 16 20.55 -30.53 8.16
CA GLY B 16 21.85 -30.03 8.55
C GLY B 16 22.19 -28.65 8.03
N GLU B 17 21.88 -28.38 6.76
CA GLU B 17 22.15 -27.08 6.16
C GLU B 17 21.09 -26.08 6.60
N ARG B 18 21.08 -24.89 5.99
CA ARG B 18 20.18 -23.82 6.37
C ARG B 18 19.06 -23.68 5.35
N ALA B 19 17.89 -23.27 5.83
CA ALA B 19 16.72 -23.05 4.99
C ALA B 19 16.22 -21.62 5.15
N THR B 20 15.91 -20.97 4.02
CA THR B 20 15.41 -19.61 4.02
C THR B 20 14.22 -19.52 3.09
N LEU B 21 13.14 -18.90 3.57
CA LEU B 21 11.93 -18.69 2.79
C LEU B 21 11.62 -17.19 2.74
N SER B 22 11.17 -16.70 1.58
CA SER B 22 10.89 -15.28 1.41
C SER B 22 9.44 -15.09 1.01
N CYS B 23 8.83 -14.03 1.54
CA CYS B 23 7.44 -13.68 1.26
C CYS B 23 7.38 -12.19 0.98
N ARG B 24 6.98 -11.83 -0.24
CA ARG B 24 6.88 -10.44 -0.66
C ARG B 24 5.41 -10.05 -0.80
N ALA B 25 5.07 -8.87 -0.30
CA ALA B 25 3.70 -8.38 -0.32
C ALA B 25 3.52 -7.36 -1.44
N SER B 26 2.36 -7.41 -2.09
CA SER B 26 2.07 -6.46 -3.16
C SER B 26 1.96 -5.04 -2.64
N GLN B 27 1.51 -4.86 -1.40
CA GLN B 27 1.41 -3.57 -0.76
C GLN B 27 2.29 -3.56 0.50
N SER B 28 2.27 -2.43 1.20
CA SER B 28 3.07 -2.25 2.41
C SER B 28 2.15 -2.15 3.61
N PHE B 29 2.40 -3.00 4.62
CA PHE B 29 1.66 -2.98 5.86
C PHE B 29 2.64 -3.16 7.02
N ASP B 30 2.15 -2.95 8.23
CA ASP B 30 2.97 -3.13 9.42
C ASP B 30 3.46 -4.57 9.52
N SER B 31 4.72 -4.73 9.93
CA SER B 31 5.32 -6.06 10.02
C SER B 31 4.63 -6.93 11.06
N ARG B 32 3.91 -6.34 12.01
CA ARG B 32 3.21 -7.11 13.03
C ARG B 32 1.94 -7.78 12.51
N TYR B 33 1.65 -7.65 11.22
CA TYR B 33 0.46 -8.27 10.63
C TYR B 33 0.77 -9.54 9.87
N LEU B 34 2.02 -9.98 9.84
CA LEU B 34 2.42 -11.14 9.05
C LEU B 34 2.82 -12.29 9.96
N GLY B 35 2.46 -13.50 9.55
CA GLY B 35 2.77 -14.69 10.31
C GLY B 35 3.16 -15.84 9.39
N TRP B 36 3.82 -16.82 9.98
CA TRP B 36 4.26 -18.03 9.29
C TRP B 36 3.61 -19.24 9.94
N TYR B 37 3.04 -20.10 9.11
CA TYR B 37 2.37 -21.32 9.55
C TYR B 37 3.03 -22.53 8.89
N GLN B 38 3.08 -23.63 9.62
CA GLN B 38 3.63 -24.88 9.13
C GLN B 38 2.53 -25.92 9.02
N GLN B 39 2.57 -26.72 7.95
CA GLN B 39 1.58 -27.78 7.74
C GLN B 39 2.31 -29.01 7.22
N LYS B 40 2.26 -30.10 7.99
CA LYS B 40 2.90 -31.34 7.61
C LYS B 40 2.08 -32.06 6.54
N SER B 41 2.61 -33.19 6.06
CA SER B 41 1.93 -33.98 5.05
C SER B 41 0.72 -34.67 5.67
N GLY B 42 -0.46 -34.46 5.09
CA GLY B 42 -1.66 -35.07 5.62
C GLY B 42 -2.04 -34.59 7.00
N GLN B 43 -1.80 -33.32 7.29
CA GLN B 43 -2.09 -32.74 8.60
C GLN B 43 -2.77 -31.40 8.38
N ALA B 44 -2.94 -30.65 9.47
CA ALA B 44 -3.53 -29.33 9.43
C ALA B 44 -2.47 -28.27 9.75
N PRO B 45 -2.62 -27.05 9.23
CA PRO B 45 -1.64 -26.00 9.54
C PRO B 45 -1.64 -25.65 11.02
N ARG B 46 -0.47 -25.27 11.52
CA ARG B 46 -0.30 -24.84 12.88
C ARG B 46 0.55 -23.59 12.92
N LEU B 47 0.28 -22.72 13.88
CA LEU B 47 1.02 -21.47 14.00
C LEU B 47 2.49 -21.74 14.32
N LEU B 48 3.37 -21.06 13.58
CA LEU B 48 4.80 -21.14 13.79
C LEU B 48 5.38 -19.83 14.32
N ILE B 49 5.08 -18.72 13.65
CA ILE B 49 5.55 -17.40 14.08
C ILE B 49 4.43 -16.40 13.85
N TYR B 50 4.21 -15.51 14.81
CA TYR B 50 3.25 -14.43 14.68
C TYR B 50 3.97 -13.09 14.83
N GLY B 51 3.41 -12.05 14.22
CA GLY B 51 4.04 -10.75 14.23
C GLY B 51 5.34 -10.67 13.46
N ALA B 52 5.66 -11.71 12.69
CA ALA B 52 6.81 -11.79 11.79
C ALA B 52 8.13 -11.91 12.55
N SER B 53 8.10 -11.78 13.88
CA SER B 53 9.32 -11.96 14.67
C SER B 53 9.11 -12.66 16.00
N SER B 54 7.90 -13.11 16.33
CA SER B 54 7.61 -13.69 17.63
C SER B 54 7.29 -15.18 17.46
N ARG B 55 8.17 -16.02 17.99
CA ARG B 55 7.95 -17.46 17.92
C ARG B 55 6.74 -17.87 18.76
N ALA B 56 5.94 -18.77 18.22
CA ALA B 56 4.80 -19.30 18.97
C ALA B 56 5.29 -20.20 20.10
N THR B 57 4.42 -20.38 21.11
CA THR B 57 4.76 -21.21 22.25
C THR B 57 5.01 -22.66 21.80
N GLY B 58 6.13 -23.22 22.24
CA GLY B 58 6.51 -24.57 21.90
C GLY B 58 7.30 -24.71 20.61
N ILE B 59 7.48 -23.62 19.87
CA ILE B 59 8.22 -23.67 18.61
C ILE B 59 9.71 -23.67 18.90
N PRO B 60 10.48 -24.63 18.36
CA PRO B 60 11.92 -24.66 18.63
C PRO B 60 12.61 -23.39 18.17
N ASP B 61 13.68 -23.03 18.89
CA ASP B 61 14.37 -21.76 18.68
C ASP B 61 15.09 -21.71 17.34
N ARG B 62 15.11 -22.83 16.60
CA ARG B 62 15.70 -22.83 15.28
C ARG B 62 14.93 -21.91 14.33
N PHE B 63 13.61 -21.84 14.49
CA PHE B 63 12.79 -20.97 13.65
C PHE B 63 12.97 -19.52 14.05
N SER B 64 13.20 -18.66 13.06
CA SER B 64 13.28 -17.22 13.28
C SER B 64 12.60 -16.51 12.13
N GLY B 65 12.13 -15.30 12.38
CA GLY B 65 11.50 -14.51 11.34
C GLY B 65 11.91 -13.07 11.37
N SER B 66 12.12 -12.46 10.20
CA SER B 66 12.49 -11.06 10.16
C SER B 66 12.00 -10.46 8.85
N GLY B 67 11.54 -9.22 8.90
CA GLY B 67 11.07 -8.57 7.70
C GLY B 67 10.59 -7.17 7.97
N SER B 68 10.45 -6.41 6.89
CA SER B 68 9.99 -5.03 6.97
C SER B 68 9.47 -4.63 5.60
N GLY B 69 8.75 -3.51 5.57
CA GLY B 69 8.21 -2.99 4.33
C GLY B 69 7.30 -3.97 3.62
N THR B 70 7.75 -4.48 2.47
CA THR B 70 7.02 -5.47 1.71
C THR B 70 7.81 -6.75 1.53
N ASP B 71 8.79 -7.02 2.39
CA ASP B 71 9.60 -8.22 2.27
C ASP B 71 9.79 -8.83 3.65
N PHE B 72 9.51 -10.12 3.78
CA PHE B 72 9.69 -10.86 5.02
C PHE B 72 10.38 -12.18 4.70
N THR B 73 11.03 -12.75 5.72
CA THR B 73 11.72 -14.02 5.52
C THR B 73 11.65 -14.84 6.80
N LEU B 74 11.59 -16.15 6.61
CA LEU B 74 11.60 -17.15 7.67
C LEU B 74 12.85 -18.00 7.53
N THR B 75 13.62 -18.11 8.61
CA THR B 75 14.90 -18.77 8.61
C THR B 75 14.86 -19.97 9.55
N ILE B 76 15.25 -21.14 9.04
CA ILE B 76 15.43 -22.35 9.82
C ILE B 76 16.88 -22.77 9.69
N SER B 77 17.47 -23.28 10.77
CA SER B 77 18.87 -23.68 10.78
C SER B 77 19.04 -25.19 10.94
N ARG B 78 18.53 -25.77 12.03
CA ARG B 78 18.69 -27.20 12.27
C ARG B 78 17.40 -27.92 11.88
N LEU B 79 17.12 -27.90 10.57
CA LEU B 79 15.90 -28.55 10.06
C LEU B 79 16.11 -30.06 10.08
N GLU B 80 15.72 -30.68 11.19
CA GLU B 80 15.79 -32.12 11.35
C GLU B 80 14.72 -32.78 10.48
N PRO B 81 14.86 -34.09 10.21
CA PRO B 81 13.97 -34.73 9.23
C PRO B 81 12.47 -34.55 9.51
N GLU B 82 12.05 -34.49 10.77
CA GLU B 82 10.64 -34.24 11.05
C GLU B 82 10.22 -32.81 10.72
N ASP B 83 11.18 -31.93 10.42
CA ASP B 83 10.90 -30.52 10.12
C ASP B 83 10.66 -30.26 8.64
N PHE B 84 10.20 -31.26 7.89
CA PHE B 84 9.96 -31.13 6.46
C PHE B 84 8.46 -31.05 6.23
N ALA B 85 7.99 -29.90 5.78
CA ALA B 85 6.56 -29.63 5.65
C ALA B 85 6.36 -28.51 4.64
N VAL B 86 5.16 -27.94 4.61
CA VAL B 86 4.82 -26.83 3.74
C VAL B 86 4.58 -25.60 4.60
N TYR B 87 5.20 -24.49 4.23
CA TYR B 87 5.18 -23.27 5.04
C TYR B 87 4.45 -22.17 4.30
N TYR B 88 3.52 -21.50 5.00
CA TYR B 88 2.67 -20.46 4.43
C TYR B 88 2.90 -19.15 5.17
N CYS B 89 3.00 -18.06 4.41
CA CYS B 89 3.00 -16.72 4.98
C CYS B 89 1.60 -16.13 4.84
N GLN B 90 1.12 -15.50 5.91
CA GLN B 90 -0.24 -14.99 5.97
C GLN B 90 -0.21 -13.57 6.51
N GLN B 91 -1.12 -12.73 6.00
CA GLN B 91 -1.18 -11.33 6.38
C GLN B 91 -2.51 -11.01 7.06
N PHE B 92 -2.46 -10.06 8.00
CA PHE B 92 -3.64 -9.61 8.72
C PHE B 92 -3.89 -8.11 8.51
N GLY B 93 -3.26 -7.51 7.51
CA GLY B 93 -3.34 -6.08 7.31
C GLY B 93 -4.68 -5.59 6.78
N ASP B 94 -5.08 -6.08 5.62
CA ASP B 94 -6.32 -5.66 4.97
C ASP B 94 -7.22 -6.86 4.72
N SER B 95 -8.51 -6.67 4.93
CA SER B 95 -9.48 -7.70 4.59
C SER B 95 -9.63 -7.78 3.07
N PRO B 96 -9.71 -8.99 2.49
CA PRO B 96 -9.66 -10.27 3.20
C PRO B 96 -8.25 -10.69 3.60
N PHE B 97 -8.14 -11.44 4.69
CA PHE B 97 -6.85 -11.97 5.13
C PHE B 97 -6.46 -13.15 4.24
N THR B 98 -5.24 -13.11 3.71
CA THR B 98 -4.82 -14.05 2.68
C THR B 98 -3.54 -14.76 3.10
N PHE B 99 -3.38 -15.97 2.58
CA PHE B 99 -2.20 -16.78 2.77
C PHE B 99 -1.38 -16.81 1.49
N GLY B 100 -0.10 -17.15 1.63
CA GLY B 100 0.74 -17.33 0.47
C GLY B 100 0.46 -18.64 -0.25
N GLN B 101 1.08 -18.80 -1.42
CA GLN B 101 0.90 -20.01 -2.20
C GLN B 101 1.64 -21.21 -1.62
N GLY B 102 2.50 -21.00 -0.65
CA GLY B 102 3.19 -22.08 0.02
C GLY B 102 4.54 -22.40 -0.59
N THR B 103 5.41 -22.99 0.24
CA THR B 103 6.74 -23.43 -0.19
C THR B 103 6.96 -24.82 0.36
N LYS B 104 7.17 -25.78 -0.53
CA LYS B 104 7.42 -27.16 -0.11
C LYS B 104 8.89 -27.35 0.19
N LEU B 105 9.19 -27.99 1.31
CA LEU B 105 10.56 -28.29 1.72
C LEU B 105 10.82 -29.77 1.44
N GLU B 106 11.55 -30.06 0.37
CA GLU B 106 11.87 -31.41 -0.02
C GLU B 106 13.23 -31.82 0.53
N ILE B 107 13.49 -33.13 0.51
CA ILE B 107 14.73 -33.70 1.03
C ILE B 107 15.68 -33.90 -0.14
N LYS B 108 16.85 -33.27 -0.07
CA LYS B 108 17.86 -33.46 -1.09
C LYS B 108 18.51 -34.84 -0.94
N ARG B 109 18.75 -35.49 -2.07
CA ARG B 109 19.40 -36.79 -2.09
C ARG B 109 19.97 -37.02 -3.49
N THR B 110 20.56 -38.19 -3.69
CA THR B 110 21.18 -38.52 -4.96
C THR B 110 20.13 -38.70 -6.04
N VAL B 111 20.52 -38.41 -7.29
CA VAL B 111 19.60 -38.53 -8.41
C VAL B 111 19.40 -39.99 -8.74
N ALA B 112 18.14 -40.42 -8.79
CA ALA B 112 17.79 -41.84 -8.93
C ALA B 112 17.12 -42.08 -10.28
N ALA B 113 17.37 -43.25 -10.85
CA ALA B 113 16.78 -43.64 -12.11
C ALA B 113 15.42 -44.30 -11.89
N PRO B 114 14.36 -43.80 -12.53
CA PRO B 114 13.02 -44.38 -12.31
C PRO B 114 12.88 -45.74 -12.97
N SER B 115 12.52 -46.74 -12.16
CA SER B 115 12.14 -48.03 -12.71
C SER B 115 10.74 -47.93 -13.28
N VAL B 116 10.59 -48.18 -14.58
CA VAL B 116 9.34 -47.93 -15.30
C VAL B 116 8.78 -49.27 -15.74
N PHE B 117 7.67 -49.67 -15.13
CA PHE B 117 6.98 -50.93 -15.43
C PHE B 117 5.62 -50.63 -16.07
N ILE B 118 4.98 -51.70 -16.55
CA ILE B 118 3.74 -51.59 -17.30
C ILE B 118 2.68 -52.49 -16.67
N PHE B 119 1.42 -52.13 -16.88
CA PHE B 119 0.28 -52.95 -16.49
C PHE B 119 -0.84 -52.75 -17.51
N PRO B 120 -1.07 -53.74 -18.36
CA PRO B 120 -2.17 -53.65 -19.34
C PRO B 120 -3.50 -53.98 -18.67
N PRO B 121 -4.62 -53.63 -19.30
CA PRO B 121 -5.93 -54.01 -18.75
C PRO B 121 -6.10 -55.52 -18.71
N SER B 122 -6.79 -55.99 -17.67
CA SER B 122 -7.05 -57.41 -17.51
C SER B 122 -8.27 -57.82 -18.34
N ASP B 123 -8.63 -59.11 -18.24
CA ASP B 123 -9.80 -59.60 -18.96
C ASP B 123 -11.09 -59.03 -18.40
N GLU B 124 -11.14 -58.80 -17.08
CA GLU B 124 -12.31 -58.18 -16.48
C GLU B 124 -12.54 -56.79 -17.06
N GLN B 125 -11.47 -56.01 -17.20
CA GLN B 125 -11.60 -54.72 -17.86
C GLN B 125 -11.74 -54.87 -19.37
N LEU B 126 -11.40 -56.04 -19.92
CA LEU B 126 -11.65 -56.30 -21.34
C LEU B 126 -13.12 -56.54 -21.60
N LYS B 127 -13.86 -57.05 -20.62
CA LYS B 127 -15.31 -57.15 -20.75
C LYS B 127 -16.05 -55.98 -20.10
N SER B 128 -15.34 -55.10 -19.39
CA SER B 128 -15.98 -53.93 -18.80
C SER B 128 -16.43 -52.91 -19.83
N GLY B 129 -15.88 -52.94 -21.05
CA GLY B 129 -16.25 -52.01 -22.09
C GLY B 129 -15.39 -50.76 -22.17
N THR B 130 -14.52 -50.52 -21.19
CA THR B 130 -13.59 -49.40 -21.21
C THR B 130 -12.26 -49.85 -20.64
N ALA B 131 -11.19 -49.69 -21.41
CA ALA B 131 -9.89 -50.22 -21.05
C ALA B 131 -8.97 -49.12 -20.56
N SER B 132 -7.96 -49.50 -19.79
CA SER B 132 -6.98 -48.56 -19.26
C SER B 132 -5.65 -49.27 -19.08
N VAL B 133 -4.57 -48.64 -19.56
CA VAL B 133 -3.22 -49.15 -19.39
C VAL B 133 -2.46 -48.20 -18.48
N VAL B 134 -1.74 -48.75 -17.50
CA VAL B 134 -1.10 -47.94 -16.46
C VAL B 134 0.39 -48.26 -16.45
N CYS B 135 1.22 -47.24 -16.68
CA CYS B 135 2.66 -47.43 -16.57
C CYS B 135 3.20 -46.61 -15.40
N LEU B 136 4.14 -47.20 -14.69
CA LEU B 136 4.57 -46.77 -13.36
C LEU B 136 6.04 -46.43 -13.34
N LEU B 137 6.37 -45.32 -12.68
CA LEU B 137 7.73 -44.91 -12.40
C LEU B 137 7.96 -45.03 -10.89
N ASN B 138 9.02 -45.73 -10.51
CA ASN B 138 9.27 -46.03 -9.11
C ASN B 138 10.70 -45.66 -8.73
N ASN B 139 10.85 -45.10 -7.53
CA ASN B 139 12.15 -44.83 -6.91
C ASN B 139 13.03 -43.92 -7.78
N PHE B 140 12.54 -42.69 -7.95
CA PHE B 140 13.28 -41.69 -8.69
C PHE B 140 13.28 -40.37 -7.94
N TYR B 141 14.19 -39.49 -8.36
CA TYR B 141 14.37 -38.17 -7.76
C TYR B 141 15.11 -37.30 -8.77
N PRO B 142 14.68 -36.05 -8.99
CA PRO B 142 13.52 -35.38 -8.38
C PRO B 142 12.18 -35.87 -8.92
N ARG B 143 11.10 -35.29 -8.40
CA ARG B 143 9.76 -35.68 -8.83
C ARG B 143 9.53 -35.36 -10.31
N GLU B 144 10.20 -34.34 -10.85
CA GLU B 144 9.99 -33.92 -12.23
C GLU B 144 10.32 -35.03 -13.21
N ALA B 145 9.30 -35.57 -13.88
CA ALA B 145 9.47 -36.63 -14.85
C ALA B 145 8.33 -36.55 -15.85
N LYS B 146 8.67 -36.57 -17.14
CA LYS B 146 7.69 -36.45 -18.21
C LYS B 146 7.35 -37.83 -18.75
N VAL B 147 6.07 -38.17 -18.72
CA VAL B 147 5.56 -39.42 -19.27
C VAL B 147 4.90 -39.12 -20.61
N GLN B 148 4.97 -40.10 -21.51
CA GLN B 148 4.41 -39.94 -22.85
C GLN B 148 3.76 -41.25 -23.27
N TRP B 149 2.47 -41.20 -23.61
CA TRP B 149 1.74 -42.36 -24.11
C TRP B 149 1.85 -42.43 -25.63
N LYS B 150 2.02 -43.65 -26.15
CA LYS B 150 2.09 -43.90 -27.58
C LYS B 150 1.21 -45.09 -27.92
N VAL B 151 0.26 -44.88 -28.81
CA VAL B 151 -0.61 -45.94 -29.34
C VAL B 151 -0.18 -46.15 -30.78
N ASP B 152 0.56 -47.24 -31.04
CA ASP B 152 1.21 -47.48 -32.32
C ASP B 152 2.10 -46.30 -32.69
N ASN B 153 2.89 -45.84 -31.72
CA ASN B 153 3.82 -44.73 -31.89
C ASN B 153 3.10 -43.46 -32.32
N ALA B 154 1.94 -43.20 -31.73
CA ALA B 154 1.18 -41.97 -31.96
C ALA B 154 1.14 -41.16 -30.68
N LEU B 155 1.38 -39.86 -30.80
CA LEU B 155 1.46 -38.96 -29.65
C LEU B 155 0.07 -38.73 -29.08
N GLN B 156 -0.30 -39.53 -28.08
CA GLN B 156 -1.58 -39.37 -27.41
C GLN B 156 -1.54 -38.17 -26.46
N SER B 157 -2.70 -37.56 -26.25
CA SER B 157 -2.80 -36.39 -25.39
C SER B 157 -4.25 -36.19 -24.97
N GLY B 158 -4.44 -35.71 -23.74
CA GLY B 158 -5.75 -35.36 -23.24
C GLY B 158 -6.61 -36.50 -22.75
N ASN B 159 -6.38 -37.72 -23.25
CA ASN B 159 -7.18 -38.87 -22.87
C ASN B 159 -6.57 -39.66 -21.72
N SER B 160 -5.48 -39.17 -21.13
CA SER B 160 -4.77 -39.89 -20.08
C SER B 160 -4.61 -38.99 -18.86
N GLN B 161 -4.48 -39.63 -17.70
CA GLN B 161 -4.35 -38.93 -16.43
C GLN B 161 -3.07 -39.37 -15.73
N GLU B 162 -2.65 -38.56 -14.75
CA GLU B 162 -1.39 -38.75 -14.05
C GLU B 162 -1.61 -38.61 -12.56
N SER B 163 -0.84 -39.38 -11.79
CA SER B 163 -0.91 -39.30 -10.33
C SER B 163 0.47 -39.57 -9.76
N VAL B 164 1.03 -38.58 -9.05
CA VAL B 164 2.38 -38.66 -8.51
C VAL B 164 2.30 -38.85 -7.01
N THR B 165 2.92 -39.92 -6.50
CA THR B 165 2.97 -40.17 -5.08
C THR B 165 4.02 -39.29 -4.41
N GLU B 166 3.70 -38.79 -3.22
CA GLU B 166 4.57 -37.88 -2.50
C GLU B 166 5.89 -38.57 -2.13
N GLN B 167 6.81 -37.77 -1.60
CA GLN B 167 8.14 -38.27 -1.26
C GLN B 167 8.06 -39.37 -0.21
N ASP B 168 8.80 -40.46 -0.46
CA ASP B 168 8.78 -41.60 0.45
C ASP B 168 9.47 -41.27 1.77
N SER B 169 9.10 -41.99 2.81
CA SER B 169 9.65 -41.74 4.14
C SER B 169 11.07 -42.27 4.30
N LYS B 170 11.38 -43.42 3.71
CA LYS B 170 12.67 -44.07 3.94
C LYS B 170 13.73 -43.66 2.90
N ASP B 171 13.46 -43.93 1.63
CA ASP B 171 14.43 -43.64 0.57
C ASP B 171 14.28 -42.24 0.01
N SER B 172 13.24 -41.50 0.39
CA SER B 172 13.01 -40.13 -0.07
C SER B 172 12.93 -40.07 -1.59
N THR B 173 12.18 -40.99 -2.18
CA THR B 173 11.97 -41.05 -3.61
C THR B 173 10.50 -40.80 -3.94
N TYR B 174 10.16 -40.93 -5.23
CA TYR B 174 8.82 -40.65 -5.71
C TYR B 174 8.30 -41.84 -6.50
N SER B 175 6.99 -41.82 -6.75
CA SER B 175 6.34 -42.79 -7.61
C SER B 175 5.26 -42.08 -8.43
N LEU B 176 5.24 -42.36 -9.73
CA LEU B 176 4.28 -41.75 -10.64
C LEU B 176 3.54 -42.83 -11.40
N SER B 177 2.26 -42.56 -11.69
CA SER B 177 1.42 -43.47 -12.43
C SER B 177 0.75 -42.72 -13.56
N SER B 178 0.91 -43.21 -14.79
CA SER B 178 0.23 -42.67 -15.95
C SER B 178 -0.82 -43.69 -16.39
N THR B 179 -2.08 -43.27 -16.45
CA THR B 179 -3.20 -44.12 -16.81
C THR B 179 -3.83 -43.60 -18.09
N LEU B 180 -3.74 -44.38 -19.15
CA LEU B 180 -4.35 -44.06 -20.43
C LEU B 180 -5.66 -44.84 -20.55
N THR B 181 -6.76 -44.13 -20.71
CA THR B 181 -8.09 -44.71 -20.79
C THR B 181 -8.63 -44.60 -22.21
N LEU B 182 -9.18 -45.70 -22.71
CA LEU B 182 -9.71 -45.75 -24.07
C LEU B 182 -11.00 -46.56 -24.07
N SER B 183 -11.81 -46.34 -25.11
CA SER B 183 -12.97 -47.18 -25.36
C SER B 183 -12.54 -48.49 -26.01
N LYS B 184 -13.48 -49.43 -26.08
CA LYS B 184 -13.14 -50.76 -26.58
C LYS B 184 -12.74 -50.71 -28.05
N ALA B 185 -13.43 -49.92 -28.86
CA ALA B 185 -13.04 -49.77 -30.26
C ALA B 185 -11.65 -49.14 -30.37
N ASP B 186 -11.40 -48.09 -29.57
CA ASP B 186 -10.08 -47.46 -29.58
C ASP B 186 -9.01 -48.41 -29.09
N TYR B 187 -9.33 -49.22 -28.07
CA TYR B 187 -8.37 -50.19 -27.57
C TYR B 187 -8.04 -51.25 -28.61
N GLU B 188 -9.05 -51.72 -29.34
CA GLU B 188 -8.88 -52.83 -30.27
C GLU B 188 -8.49 -52.40 -31.67
N LYS B 189 -8.46 -51.10 -31.96
CA LYS B 189 -8.13 -50.66 -33.31
C LYS B 189 -6.63 -50.53 -33.55
N HIS B 190 -5.79 -50.75 -32.54
CA HIS B 190 -4.35 -50.58 -32.67
C HIS B 190 -3.64 -51.72 -31.95
N LYS B 191 -2.31 -51.76 -32.10
CA LYS B 191 -1.53 -52.90 -31.62
C LYS B 191 -0.53 -52.53 -30.54
N VAL B 192 0.34 -51.56 -30.78
CA VAL B 192 1.47 -51.28 -29.89
C VAL B 192 1.06 -50.24 -28.87
N TYR B 193 1.35 -50.51 -27.59
CA TYR B 193 1.08 -49.57 -26.50
C TYR B 193 2.39 -49.34 -25.77
N ALA B 194 2.80 -48.08 -25.65
CA ALA B 194 4.11 -47.75 -25.11
C ALA B 194 4.02 -46.51 -24.23
N CYS B 195 4.95 -46.41 -23.28
CA CYS B 195 5.12 -45.15 -22.57
C CYS B 195 6.60 -44.80 -22.48
N GLU B 196 6.84 -43.50 -22.44
CA GLU B 196 8.17 -42.90 -22.51
C GLU B 196 8.40 -42.10 -21.25
N VAL B 197 9.58 -42.24 -20.67
CA VAL B 197 9.96 -41.55 -19.44
C VAL B 197 11.16 -40.65 -19.73
N THR B 198 11.02 -39.37 -19.39
CA THR B 198 12.11 -38.41 -19.45
C THR B 198 12.36 -37.90 -18.05
N HIS B 199 13.60 -38.03 -17.59
CA HIS B 199 13.95 -37.66 -16.23
C HIS B 199 15.44 -37.33 -16.18
N GLN B 200 15.82 -36.48 -15.22
CA GLN B 200 17.22 -36.15 -15.02
C GLN B 200 18.02 -37.40 -14.63
N GLY B 201 17.44 -38.27 -13.82
CA GLY B 201 18.12 -39.49 -13.40
C GLY B 201 18.49 -40.41 -14.55
N LEU B 202 17.79 -40.31 -15.67
CA LEU B 202 18.09 -41.09 -16.85
C LEU B 202 18.97 -40.27 -17.79
N SER B 203 20.03 -40.90 -18.30
CA SER B 203 20.93 -40.20 -19.22
C SER B 203 20.19 -39.76 -20.48
N SER B 204 19.34 -40.64 -21.02
CA SER B 204 18.55 -40.34 -22.19
C SER B 204 17.09 -40.76 -21.95
N PRO B 205 16.14 -40.12 -22.63
CA PRO B 205 14.74 -40.55 -22.52
C PRO B 205 14.60 -42.02 -22.88
N VAL B 206 13.76 -42.73 -22.13
CA VAL B 206 13.64 -44.18 -22.24
C VAL B 206 12.23 -44.53 -22.68
N THR B 207 12.12 -45.21 -23.81
CA THR B 207 10.85 -45.74 -24.30
C THR B 207 10.65 -47.15 -23.77
N LYS B 208 9.39 -47.58 -23.69
CA LYS B 208 9.13 -48.98 -23.44
C LYS B 208 7.76 -49.34 -24.00
N SER B 209 7.71 -50.49 -24.70
CA SER B 209 6.57 -50.88 -25.51
C SER B 209 6.05 -52.25 -25.09
N PHE B 210 4.83 -52.55 -25.52
CA PHE B 210 4.28 -53.90 -25.46
C PHE B 210 3.19 -54.03 -26.52
N ASN B 211 2.82 -55.27 -26.80
CA ASN B 211 1.86 -55.58 -27.84
C ASN B 211 0.72 -56.40 -27.25
N ARG B 212 -0.51 -55.96 -27.48
CA ARG B 212 -1.67 -56.70 -26.98
C ARG B 212 -1.88 -57.99 -27.76
N GLY B 213 -1.61 -57.97 -29.07
CA GLY B 213 -1.76 -59.17 -29.88
C GLY B 213 -0.80 -60.27 -29.48
N GLU B 214 0.46 -59.91 -29.22
CA GLU B 214 1.44 -60.91 -28.83
C GLU B 214 1.23 -61.38 -27.40
N CYS B 215 0.95 -60.45 -26.49
CA CYS B 215 0.76 -60.79 -25.09
C CYS B 215 -0.49 -60.15 -24.51
N GLN C 1 -4.61 -25.98 26.68
CA GLN C 1 -4.85 -26.74 25.45
C GLN C 1 -6.32 -26.69 25.06
N ILE C 2 -6.59 -26.20 23.84
CA ILE C 2 -7.94 -26.10 23.33
C ILE C 2 -8.09 -27.02 22.13
N THR C 3 -9.33 -27.42 21.87
CA THR C 3 -9.67 -28.35 20.80
C THR C 3 -10.85 -27.82 20.01
N LEU C 4 -10.89 -28.17 18.72
CA LEU C 4 -11.98 -27.76 17.83
C LEU C 4 -12.33 -28.93 16.92
N LYS C 5 -13.60 -29.32 16.92
CA LYS C 5 -14.08 -30.41 16.08
C LYS C 5 -15.16 -29.89 15.15
N GLU C 6 -15.03 -30.19 13.86
CA GLU C 6 -16.00 -29.78 12.85
C GLU C 6 -16.84 -30.99 12.43
N SER C 7 -18.15 -30.80 12.41
CA SER C 7 -19.09 -31.85 12.06
C SER C 7 -20.16 -31.28 11.13
N GLY C 8 -20.95 -32.19 10.56
CA GLY C 8 -22.01 -31.83 9.65
C GLY C 8 -22.02 -32.71 8.42
N PRO C 9 -22.89 -32.40 7.46
CA PRO C 9 -22.94 -33.18 6.23
C PRO C 9 -21.72 -32.95 5.35
N THR C 10 -20.86 -33.97 5.26
CA THR C 10 -19.62 -33.85 4.48
C THR C 10 -19.86 -33.92 2.97
N LEU C 11 -21.06 -34.27 2.54
CA LEU C 11 -21.40 -34.35 1.12
C LEU C 11 -22.60 -33.46 0.85
N VAL C 12 -22.44 -32.54 -0.10
CA VAL C 12 -23.50 -31.60 -0.47
C VAL C 12 -23.60 -31.55 -1.99
N LYS C 13 -24.83 -31.57 -2.48
CA LYS C 13 -25.08 -31.53 -3.92
C LYS C 13 -24.89 -30.12 -4.46
N PRO C 14 -24.75 -29.98 -5.79
CA PRO C 14 -24.63 -28.64 -6.36
C PRO C 14 -25.84 -27.77 -6.05
N THR C 15 -25.61 -26.45 -6.06
CA THR C 15 -26.57 -25.39 -5.73
C THR C 15 -27.39 -25.69 -4.48
N GLN C 16 -26.80 -26.41 -3.54
CA GLN C 16 -27.38 -26.64 -2.23
C GLN C 16 -26.70 -25.76 -1.19
N THR C 17 -27.02 -25.97 0.08
CA THR C 17 -26.45 -25.21 1.18
C THR C 17 -25.86 -26.15 2.21
N LEU C 18 -24.60 -25.93 2.56
CA LEU C 18 -23.94 -26.70 3.60
C LEU C 18 -23.93 -25.91 4.92
N THR C 19 -24.00 -26.66 6.02
CA THR C 19 -23.98 -26.10 7.36
C THR C 19 -22.97 -26.88 8.19
N LEU C 20 -21.82 -26.27 8.44
CA LEU C 20 -20.75 -26.90 9.21
C LEU C 20 -20.76 -26.36 10.63
N THR C 21 -20.67 -27.26 11.61
CA THR C 21 -20.72 -26.89 13.02
C THR C 21 -19.36 -27.15 13.65
N CYS C 22 -18.76 -26.12 14.22
CA CYS C 22 -17.49 -26.21 14.94
C CYS C 22 -17.78 -26.15 16.43
N THR C 23 -17.55 -27.26 17.12
CA THR C 23 -17.66 -27.33 18.57
C THR C 23 -16.25 -27.20 19.16
N PHE C 24 -16.06 -26.21 20.02
CA PHE C 24 -14.74 -25.89 20.54
C PHE C 24 -14.73 -25.98 22.06
N SER C 25 -13.68 -26.61 22.59
CA SER C 25 -13.45 -26.71 24.02
C SER C 25 -12.11 -26.07 24.35
N GLY C 26 -11.97 -25.66 25.62
CA GLY C 26 -10.76 -25.00 26.08
C GLY C 26 -10.80 -23.49 26.00
N PHE C 27 -11.82 -22.91 25.38
CA PHE C 27 -11.99 -21.46 25.36
C PHE C 27 -13.46 -21.16 25.12
N SER C 28 -13.85 -19.93 25.47
CA SER C 28 -15.22 -19.48 25.35
C SER C 28 -15.29 -18.26 24.45
N LEU C 29 -16.35 -18.18 23.64
CA LEU C 29 -16.54 -17.03 22.77
C LEU C 29 -17.16 -15.87 23.53
N SER C 30 -16.57 -15.52 24.67
CA SER C 30 -17.02 -14.37 25.44
C SER C 30 -15.86 -13.59 26.04
N THR C 31 -14.61 -13.95 25.70
CA THR C 31 -13.44 -13.27 26.23
C THR C 31 -13.04 -12.14 25.29
N SER C 32 -12.05 -11.36 25.71
CA SER C 32 -11.57 -10.24 24.90
C SER C 32 -10.60 -10.75 23.84
N GLY C 33 -10.84 -10.37 22.59
CA GLY C 33 -9.96 -10.71 21.49
C GLY C 33 -10.13 -12.11 20.94
N VAL C 34 -11.02 -12.92 21.49
CA VAL C 34 -11.22 -14.29 21.04
C VAL C 34 -12.12 -14.30 19.82
N GLY C 35 -11.74 -15.08 18.81
CA GLY C 35 -12.57 -15.24 17.63
C GLY C 35 -12.50 -16.66 17.11
N VAL C 36 -13.38 -16.97 16.16
CA VAL C 36 -13.38 -18.25 15.47
C VAL C 36 -13.39 -17.99 13.98
N ALA C 37 -12.44 -18.59 13.26
CA ALA C 37 -12.27 -18.35 11.84
C ALA C 37 -12.45 -19.64 11.07
N TRP C 38 -13.27 -19.59 10.03
CA TRP C 38 -13.44 -20.68 9.08
C TRP C 38 -12.54 -20.43 7.87
N ILE C 39 -11.71 -21.44 7.55
CA ILE C 39 -10.78 -21.40 6.44
C ILE C 39 -10.97 -22.68 5.65
N ARG C 40 -10.71 -22.62 4.34
CA ARG C 40 -10.80 -23.80 3.48
C ARG C 40 -9.53 -23.96 2.67
N GLN C 41 -9.15 -25.20 2.45
CA GLN C 41 -7.99 -25.55 1.63
C GLN C 41 -8.44 -26.49 0.53
N PRO C 42 -8.43 -26.07 -0.73
CA PRO C 42 -8.73 -26.99 -1.82
C PRO C 42 -7.64 -28.05 -1.95
N PRO C 43 -7.98 -29.24 -2.42
CA PRO C 43 -6.95 -30.30 -2.54
C PRO C 43 -5.85 -29.89 -3.50
N GLY C 44 -4.63 -29.88 -2.99
CA GLY C 44 -3.47 -29.49 -3.78
C GLY C 44 -3.28 -28.00 -3.95
N LYS C 45 -4.10 -27.17 -3.32
CA LYS C 45 -4.01 -25.72 -3.44
C LYS C 45 -3.74 -25.10 -2.08
N ALA C 46 -3.47 -23.80 -2.09
CA ALA C 46 -3.14 -23.06 -0.89
C ALA C 46 -4.39 -22.79 -0.05
N LEU C 47 -4.15 -22.36 1.18
CA LEU C 47 -5.23 -22.06 2.11
C LEU C 47 -5.98 -20.81 1.68
N GLU C 48 -7.27 -20.76 2.02
CA GLU C 48 -8.12 -19.62 1.68
C GLU C 48 -9.02 -19.32 2.88
N TRP C 49 -8.83 -18.15 3.49
CA TRP C 49 -9.66 -17.75 4.61
C TRP C 49 -11.05 -17.41 4.13
N LEU C 50 -12.06 -17.96 4.82
CA LEU C 50 -13.46 -17.74 4.45
C LEU C 50 -14.14 -16.69 5.31
N ALA C 51 -14.17 -16.90 6.63
CA ALA C 51 -14.93 -16.01 7.49
C ALA C 51 -14.33 -16.00 8.88
N LEU C 52 -14.73 -15.01 9.68
CA LEU C 52 -14.25 -14.87 11.05
C LEU C 52 -15.32 -14.17 11.89
N ILE C 53 -15.69 -14.81 13.00
CA ILE C 53 -16.64 -14.24 13.95
C ILE C 53 -15.90 -13.89 15.22
N TYR C 54 -16.36 -12.85 15.91
CA TYR C 54 -15.71 -12.31 17.09
C TYR C 54 -16.55 -12.60 18.33
N TRP C 55 -16.08 -12.09 19.47
CA TRP C 55 -16.79 -12.28 20.73
C TRP C 55 -18.00 -11.36 20.85
N ASP C 56 -17.94 -10.17 20.25
CA ASP C 56 -19.01 -9.19 20.33
C ASP C 56 -19.88 -9.19 19.08
N ASN C 57 -20.06 -10.35 18.45
CA ASN C 57 -20.92 -10.60 17.29
C ASN C 57 -20.43 -9.93 16.01
N ASP C 58 -19.35 -9.16 16.06
CA ASP C 58 -18.79 -8.61 14.82
C ASP C 58 -18.26 -9.74 13.95
N LYS C 59 -18.50 -9.64 12.65
CA LYS C 59 -18.15 -10.70 11.72
C LYS C 59 -17.55 -10.11 10.46
N ARG C 60 -16.50 -10.76 9.97
CA ARG C 60 -15.90 -10.44 8.69
C ARG C 60 -15.99 -11.65 7.78
N SER C 61 -16.16 -11.39 6.48
CA SER C 61 -16.22 -12.45 5.49
C SER C 61 -15.46 -12.01 4.26
N SER C 62 -15.07 -13.00 3.45
CA SER C 62 -14.36 -12.71 2.22
C SER C 62 -15.26 -11.92 1.28
N PRO C 63 -14.80 -10.80 0.73
CA PRO C 63 -15.66 -10.01 -0.17
C PRO C 63 -16.12 -10.79 -1.39
N SER C 64 -15.27 -11.66 -1.92
CA SER C 64 -15.65 -12.48 -3.07
C SER C 64 -16.65 -13.57 -2.72
N LEU C 65 -16.87 -13.82 -1.43
CA LEU C 65 -17.82 -14.85 -0.99
C LEU C 65 -18.83 -14.30 0.00
N ASN C 66 -18.95 -12.97 0.09
CA ASN C 66 -19.80 -12.35 1.10
C ASN C 66 -21.28 -12.68 0.88
N ASN C 67 -21.70 -12.76 -0.38
CA ASN C 67 -23.13 -12.91 -0.67
C ASN C 67 -23.68 -14.24 -0.14
N ARG C 68 -22.93 -15.32 -0.30
CA ARG C 68 -23.42 -16.66 0.03
C ARG C 68 -22.78 -17.23 1.29
N LEU C 69 -22.25 -16.38 2.17
CA LEU C 69 -21.64 -16.82 3.42
C LEU C 69 -22.45 -16.27 4.59
N THR C 70 -22.70 -17.13 5.59
CA THR C 70 -23.35 -16.66 6.81
C THR C 70 -22.84 -17.46 7.99
N ILE C 71 -22.19 -16.80 8.94
CA ILE C 71 -21.58 -17.47 10.09
C ILE C 71 -22.20 -16.92 11.37
N THR C 72 -22.64 -17.82 12.25
CA THR C 72 -23.31 -17.48 13.48
C THR C 72 -22.66 -18.22 14.65
N LYS C 73 -22.85 -17.69 15.86
CA LYS C 73 -22.23 -18.23 17.05
C LYS C 73 -23.29 -18.60 18.08
N ASP C 74 -23.04 -19.68 18.81
CA ASP C 74 -23.83 -20.08 19.97
C ASP C 74 -22.86 -20.19 21.14
N THR C 75 -22.85 -19.17 22.00
CA THR C 75 -21.88 -19.12 23.09
C THR C 75 -22.21 -20.12 24.19
N SER C 76 -23.50 -20.35 24.47
CA SER C 76 -23.87 -21.26 25.54
C SER C 76 -23.43 -22.69 25.24
N LYS C 77 -23.61 -23.14 24.00
CA LYS C 77 -23.23 -24.48 23.60
C LYS C 77 -21.85 -24.54 22.97
N ASN C 78 -21.13 -23.41 22.90
CA ASN C 78 -19.78 -23.35 22.36
C ASN C 78 -19.72 -23.91 20.93
N GLN C 79 -20.51 -23.29 20.05
CA GLN C 79 -20.60 -23.73 18.67
C GLN C 79 -20.51 -22.56 17.72
N VAL C 80 -19.99 -22.82 16.53
CA VAL C 80 -19.99 -21.87 15.42
C VAL C 80 -20.57 -22.56 14.20
N VAL C 81 -21.62 -21.97 13.62
CA VAL C 81 -22.31 -22.57 12.49
C VAL C 81 -22.01 -21.72 11.26
N LEU C 82 -21.46 -22.37 10.23
CA LEU C 82 -21.13 -21.73 8.97
C LEU C 82 -22.05 -22.27 7.90
N THR C 83 -22.75 -21.38 7.20
CA THR C 83 -23.70 -21.75 6.17
C THR C 83 -23.23 -21.17 4.84
N MET C 84 -23.12 -22.05 3.84
CA MET C 84 -22.64 -21.70 2.51
C MET C 84 -23.68 -22.14 1.49
N THR C 85 -24.14 -21.20 0.67
CA THR C 85 -25.25 -21.44 -0.25
C THR C 85 -24.78 -21.39 -1.69
N ASN C 86 -25.52 -22.09 -2.56
CA ASN C 86 -25.26 -22.14 -3.99
C ASN C 86 -23.86 -22.68 -4.29
N MET C 87 -23.62 -23.91 -3.85
CA MET C 87 -22.31 -24.54 -4.03
C MET C 87 -22.13 -25.03 -5.45
N ASP C 88 -21.04 -24.61 -6.07
CA ASP C 88 -20.57 -25.11 -7.35
C ASP C 88 -19.70 -26.34 -7.12
N PRO C 89 -19.47 -27.16 -8.15
CA PRO C 89 -18.72 -28.37 -7.95
C PRO C 89 -17.19 -28.25 -7.95
N GLU C 90 -16.69 -27.04 -7.74
CA GLU C 90 -15.27 -26.79 -7.48
C GLU C 90 -14.99 -26.56 -6.00
N ASP C 91 -16.02 -26.23 -5.21
CA ASP C 91 -15.87 -25.90 -3.80
C ASP C 91 -15.42 -27.07 -2.94
N THR C 92 -15.18 -28.23 -3.53
CA THR C 92 -14.68 -29.37 -2.76
C THR C 92 -13.31 -29.02 -2.18
N ALA C 93 -13.18 -29.16 -0.87
CA ALA C 93 -11.98 -28.75 -0.15
C ALA C 93 -11.99 -29.43 1.21
N THR C 94 -11.06 -29.02 2.07
CA THR C 94 -11.07 -29.38 3.47
C THR C 94 -11.25 -28.11 4.28
N TYR C 95 -12.26 -28.10 5.14
CA TYR C 95 -12.61 -26.92 5.93
C TYR C 95 -12.10 -27.09 7.35
N TYR C 96 -11.46 -26.05 7.88
CA TYR C 96 -11.00 -25.99 9.25
C TYR C 96 -11.64 -24.80 9.96
N CYS C 97 -11.94 -25.00 11.24
CA CYS C 97 -12.27 -23.91 12.15
C CYS C 97 -11.12 -23.73 13.12
N ALA C 98 -10.69 -22.49 13.32
CA ALA C 98 -9.51 -22.19 14.11
C ALA C 98 -9.79 -21.07 15.09
N HIS C 99 -9.09 -21.13 16.22
CA HIS C 99 -9.19 -20.08 17.23
C HIS C 99 -8.31 -18.90 16.84
N PHE C 100 -8.84 -17.69 17.05
CA PHE C 100 -8.15 -16.45 16.69
C PHE C 100 -7.92 -15.63 17.95
N PHE C 101 -6.69 -15.13 18.10
CA PHE C 101 -6.30 -14.38 19.29
C PHE C 101 -5.18 -13.43 18.93
N SER C 102 -4.96 -12.45 19.81
CA SER C 102 -3.90 -11.47 19.67
C SER C 102 -3.09 -11.40 20.96
N HIS C 103 -2.00 -10.64 20.92
CA HIS C 103 -1.06 -10.58 22.03
C HIS C 103 -0.74 -9.12 22.35
N TYR C 104 -1.12 -8.69 23.54
CA TYR C 104 -0.71 -7.40 24.11
C TYR C 104 0.04 -7.66 25.40
N ASP C 105 0.69 -6.62 25.93
CA ASP C 105 1.41 -6.77 27.20
C ASP C 105 1.37 -5.43 27.94
N SER C 106 0.34 -5.25 28.77
CA SER C 106 0.24 -4.22 29.81
C SER C 106 0.16 -2.80 29.26
N SER C 107 0.28 -2.61 27.95
CA SER C 107 0.22 -1.26 27.39
C SER C 107 -0.56 -1.21 26.08
N ASN C 108 -1.19 -2.31 25.68
CA ASN C 108 -1.95 -2.40 24.44
C ASN C 108 -1.07 -2.05 23.24
N TYR C 109 -0.04 -2.87 23.03
CA TYR C 109 0.92 -2.65 21.96
C TYR C 109 0.74 -3.57 20.77
N TYR C 110 0.08 -4.72 20.93
CA TYR C 110 -0.27 -5.61 19.83
C TYR C 110 0.98 -6.13 19.10
N TYR C 111 1.71 -7.01 19.78
CA TYR C 111 2.73 -7.79 19.10
C TYR C 111 2.09 -8.88 18.22
N GLY C 112 1.25 -8.48 17.27
CA GLY C 112 0.72 -9.40 16.28
C GLY C 112 -0.47 -10.20 16.75
N SER C 113 -1.01 -10.99 15.81
CA SER C 113 -2.11 -11.92 16.07
C SER C 113 -1.87 -13.16 15.23
N TRP C 114 -2.74 -14.15 15.37
CA TRP C 114 -2.50 -15.45 14.74
C TRP C 114 -3.81 -16.24 14.69
N PHE C 115 -3.71 -17.45 14.17
CA PHE C 115 -4.77 -18.45 14.22
C PHE C 115 -4.32 -19.56 15.16
N ASP C 116 -4.78 -19.50 16.41
CA ASP C 116 -4.51 -20.49 17.45
C ASP C 116 -4.99 -21.85 16.93
N PRO C 117 -4.58 -23.00 17.58
CA PRO C 117 -4.60 -24.29 16.86
C PRO C 117 -5.85 -24.58 16.04
N TRP C 118 -5.63 -25.12 14.85
CA TRP C 118 -6.70 -25.37 13.88
C TRP C 118 -7.48 -26.62 14.26
N GLY C 119 -8.56 -26.85 13.52
CA GLY C 119 -9.36 -28.05 13.71
C GLY C 119 -8.79 -29.24 12.98
N GLN C 120 -9.45 -30.38 13.17
CA GLN C 120 -9.01 -31.61 12.51
C GLN C 120 -9.13 -31.49 10.99
N GLY C 121 -10.21 -30.88 10.50
CA GLY C 121 -10.40 -30.72 9.07
C GLY C 121 -11.46 -31.66 8.52
N THR C 122 -12.48 -31.09 7.89
CA THR C 122 -13.57 -31.88 7.32
C THR C 122 -13.54 -31.77 5.80
N LEU C 123 -13.49 -32.91 5.13
CA LEU C 123 -13.48 -32.94 3.67
C LEU C 123 -14.90 -32.80 3.15
N VAL C 124 -15.16 -31.77 2.35
CA VAL C 124 -16.45 -31.52 1.77
C VAL C 124 -16.31 -31.56 0.25
N THR C 125 -17.14 -32.38 -0.40
CA THR C 125 -17.13 -32.52 -1.84
C THR C 125 -18.51 -32.20 -2.41
N VAL C 126 -18.52 -31.63 -3.61
CA VAL C 126 -19.75 -31.26 -4.30
C VAL C 126 -19.80 -32.02 -5.61
N SER C 127 -20.87 -32.78 -5.81
CA SER C 127 -21.04 -33.54 -7.04
C SER C 127 -22.50 -33.88 -7.22
N SER C 128 -22.99 -33.76 -8.46
CA SER C 128 -24.35 -34.16 -8.80
C SER C 128 -24.38 -35.62 -9.28
N ALA C 129 -23.82 -36.51 -8.48
CA ALA C 129 -23.70 -37.92 -8.81
C ALA C 129 -24.24 -38.76 -7.66
N SER C 130 -24.16 -40.08 -7.82
CA SER C 130 -24.67 -41.03 -6.84
C SER C 130 -23.53 -41.91 -6.33
N THR C 131 -23.74 -42.49 -5.16
CA THR C 131 -22.79 -43.42 -4.59
C THR C 131 -22.65 -44.65 -5.49
N LYS C 132 -21.44 -45.21 -5.54
CA LYS C 132 -21.16 -46.36 -6.39
C LYS C 132 -20.05 -47.19 -5.79
N GLY C 133 -20.28 -48.49 -5.66
CA GLY C 133 -19.29 -49.40 -5.13
C GLY C 133 -18.09 -49.56 -6.04
N PRO C 134 -16.91 -49.72 -5.45
CA PRO C 134 -15.68 -49.79 -6.25
C PRO C 134 -15.56 -51.10 -7.00
N SER C 135 -14.73 -51.07 -8.05
CA SER C 135 -14.38 -52.24 -8.84
C SER C 135 -12.86 -52.38 -8.87
N VAL C 136 -12.38 -53.61 -8.75
CA VAL C 136 -10.95 -53.88 -8.61
C VAL C 136 -10.48 -54.71 -9.81
N PHE C 137 -9.45 -54.22 -10.49
CA PHE C 137 -8.82 -54.86 -11.64
C PHE C 137 -7.39 -55.24 -11.29
N PRO C 138 -6.99 -56.49 -11.53
CA PRO C 138 -5.64 -56.93 -11.13
C PRO C 138 -4.59 -56.52 -12.16
N LEU C 139 -3.72 -55.58 -11.77
CA LEU C 139 -2.60 -55.18 -12.60
C LEU C 139 -1.47 -56.17 -12.35
N ALA C 140 -1.43 -57.23 -13.20
CA ALA C 140 -0.52 -58.35 -13.15
C ALA C 140 0.83 -58.00 -13.79
N PRO C 141 1.92 -58.59 -13.31
CA PRO C 141 3.22 -58.33 -13.91
C PRO C 141 3.37 -59.00 -15.27
N SER C 142 4.30 -58.48 -16.06
CA SER C 142 4.59 -59.06 -17.36
C SER C 142 5.38 -60.35 -17.21
N SER C 143 5.45 -61.12 -18.30
CA SER C 143 6.16 -62.39 -18.29
C SER C 143 7.67 -62.15 -18.33
N LYS C 144 8.28 -61.98 -17.17
CA LYS C 144 9.72 -61.74 -17.06
C LYS C 144 10.32 -62.75 -16.09
N SER C 145 11.47 -63.31 -16.46
CA SER C 145 12.08 -64.35 -15.63
C SER C 145 12.88 -63.75 -14.48
N THR C 146 13.93 -62.98 -14.79
CA THR C 146 14.72 -62.31 -13.76
C THR C 146 14.64 -60.80 -13.89
N SER C 147 15.02 -60.24 -15.03
CA SER C 147 14.98 -58.78 -15.29
C SER C 147 15.58 -58.00 -14.11
N GLY C 148 16.70 -58.50 -13.58
CA GLY C 148 17.30 -57.90 -12.41
C GLY C 148 16.71 -58.35 -11.09
N GLY C 149 15.80 -59.31 -11.10
CA GLY C 149 15.18 -59.79 -9.88
C GLY C 149 14.29 -58.78 -9.18
N THR C 150 13.54 -57.99 -9.96
CA THR C 150 12.63 -57.00 -9.38
C THR C 150 11.50 -56.74 -10.36
N ALA C 151 10.26 -56.96 -9.91
CA ALA C 151 9.08 -56.68 -10.70
C ALA C 151 8.04 -56.03 -9.79
N ALA C 152 6.87 -55.71 -10.34
CA ALA C 152 5.81 -55.10 -9.56
C ALA C 152 4.46 -55.65 -10.00
N LEU C 153 3.49 -55.58 -9.09
CA LEU C 153 2.11 -55.90 -9.41
C LEU C 153 1.22 -55.02 -8.55
N GLY C 154 -0.09 -55.19 -8.68
CA GLY C 154 -0.99 -54.42 -7.82
C GLY C 154 -2.43 -54.50 -8.28
N CYS C 155 -3.23 -53.58 -7.75
CA CYS C 155 -4.66 -53.54 -8.02
C CYS C 155 -5.07 -52.10 -8.36
N LEU C 156 -5.85 -51.97 -9.42
CA LEU C 156 -6.42 -50.68 -9.83
C LEU C 156 -7.88 -50.65 -9.40
N VAL C 157 -8.23 -49.68 -8.56
CA VAL C 157 -9.60 -49.53 -8.06
C VAL C 157 -10.24 -48.37 -8.80
N LYS C 158 -11.44 -48.61 -9.32
CA LYS C 158 -12.18 -47.63 -10.10
C LYS C 158 -13.58 -47.49 -9.51
N ASP C 159 -14.26 -46.42 -9.91
CA ASP C 159 -15.72 -46.32 -9.75
C ASP C 159 -16.13 -46.37 -8.27
N TYR C 160 -15.61 -45.42 -7.51
CA TYR C 160 -15.96 -45.27 -6.10
C TYR C 160 -16.22 -43.80 -5.79
N PHE C 161 -17.11 -43.56 -4.82
CA PHE C 161 -17.47 -42.21 -4.44
C PHE C 161 -18.18 -42.24 -3.09
N PRO C 162 -17.81 -41.38 -2.14
CA PRO C 162 -16.65 -40.49 -2.24
C PRO C 162 -15.39 -41.06 -1.57
N GLU C 163 -14.38 -40.23 -1.41
CA GLU C 163 -13.17 -40.63 -0.72
C GLU C 163 -13.45 -40.88 0.76
N PRO C 164 -12.64 -41.71 1.44
CA PRO C 164 -11.52 -42.49 0.90
C PRO C 164 -11.81 -43.99 0.79
N VAL C 165 -10.87 -44.74 0.26
CA VAL C 165 -10.92 -46.19 0.20
C VAL C 165 -9.71 -46.74 0.94
N THR C 166 -9.96 -47.66 1.88
CA THR C 166 -8.89 -48.23 2.69
C THR C 166 -8.30 -49.43 1.95
N VAL C 167 -7.01 -49.39 1.66
CA VAL C 167 -6.33 -50.41 0.88
C VAL C 167 -5.31 -51.11 1.77
N SER C 168 -5.40 -52.44 1.85
CA SER C 168 -4.46 -53.24 2.60
C SER C 168 -3.96 -54.38 1.72
N TRP C 169 -2.75 -54.85 2.00
CA TRP C 169 -2.12 -55.91 1.23
C TRP C 169 -1.80 -57.09 2.14
N ASN C 170 -2.28 -58.27 1.76
CA ASN C 170 -2.06 -59.50 2.52
C ASN C 170 -2.49 -59.32 3.98
N SER C 171 -3.64 -58.67 4.17
CA SER C 171 -4.17 -58.34 5.50
C SER C 171 -3.14 -57.56 6.32
N GLY C 172 -2.41 -56.67 5.65
CA GLY C 172 -1.41 -55.84 6.31
C GLY C 172 -0.07 -56.52 6.54
N ALA C 173 0.09 -57.78 6.13
CA ALA C 173 1.37 -58.46 6.36
C ALA C 173 2.49 -57.85 5.53
N LEU C 174 2.21 -57.50 4.28
CA LEU C 174 3.22 -56.96 3.38
C LEU C 174 3.03 -55.45 3.25
N THR C 175 4.09 -54.70 3.54
CA THR C 175 4.06 -53.24 3.44
C THR C 175 5.23 -52.65 2.66
N SER C 176 6.31 -53.39 2.45
CA SER C 176 7.48 -52.84 1.76
C SER C 176 7.19 -52.67 0.27
N GLY C 177 7.70 -51.57 -0.29
CA GLY C 177 7.54 -51.32 -1.71
C GLY C 177 6.12 -51.03 -2.15
N VAL C 178 5.25 -50.64 -1.24
CA VAL C 178 3.84 -50.39 -1.54
C VAL C 178 3.65 -48.90 -1.81
N HIS C 179 3.05 -48.57 -2.94
CA HIS C 179 2.69 -47.20 -3.29
C HIS C 179 1.19 -47.16 -3.57
N THR C 180 0.48 -46.33 -2.79
CA THR C 180 -0.96 -46.14 -2.94
C THR C 180 -1.18 -44.71 -3.44
N PHE C 181 -1.41 -44.58 -4.73
CA PHE C 181 -1.53 -43.26 -5.34
C PHE C 181 -2.79 -42.56 -4.86
N PRO C 182 -2.75 -41.23 -4.75
CA PRO C 182 -3.95 -40.49 -4.35
C PRO C 182 -5.03 -40.58 -5.41
N ALA C 183 -6.28 -40.42 -4.96
CA ALA C 183 -7.42 -40.51 -5.85
C ALA C 183 -7.38 -39.41 -6.90
N VAL C 184 -7.79 -39.75 -8.12
CA VAL C 184 -7.80 -38.82 -9.25
C VAL C 184 -9.22 -38.68 -9.74
N LEU C 185 -9.66 -37.44 -9.95
CA LEU C 185 -11.01 -37.15 -10.42
C LEU C 185 -11.00 -37.15 -11.95
N GLN C 186 -11.67 -38.13 -12.54
CA GLN C 186 -11.75 -38.24 -13.99
C GLN C 186 -12.67 -37.16 -14.55
N SER C 187 -12.69 -37.05 -15.88
CA SER C 187 -13.52 -36.06 -16.55
C SER C 187 -15.00 -36.36 -16.41
N SER C 188 -15.36 -37.56 -15.98
CA SER C 188 -16.75 -37.95 -15.79
C SER C 188 -17.25 -37.68 -14.37
N GLY C 189 -16.46 -37.00 -13.54
CA GLY C 189 -16.82 -36.82 -12.15
C GLY C 189 -16.79 -38.10 -11.35
N LEU C 190 -15.80 -38.95 -11.59
CA LEU C 190 -15.72 -40.27 -10.98
C LEU C 190 -14.29 -40.51 -10.51
N TYR C 191 -14.15 -41.32 -9.47
CA TYR C 191 -12.87 -41.50 -8.78
C TYR C 191 -12.23 -42.84 -9.12
N SER C 192 -10.89 -42.85 -9.02
CA SER C 192 -10.09 -44.03 -9.28
C SER C 192 -8.71 -43.83 -8.68
N LEU C 193 -8.04 -44.95 -8.38
CA LEU C 193 -6.68 -44.93 -7.87
C LEU C 193 -6.05 -46.29 -8.14
N SER C 194 -4.76 -46.42 -7.83
CA SER C 194 -4.03 -47.66 -8.04
C SER C 194 -3.08 -47.89 -6.87
N SER C 195 -3.01 -49.13 -6.41
CA SER C 195 -2.09 -49.52 -5.34
C SER C 195 -1.18 -50.62 -5.86
N VAL C 196 0.11 -50.33 -5.91
CA VAL C 196 1.08 -51.23 -6.55
C VAL C 196 2.21 -51.52 -5.57
N VAL C 197 2.57 -52.80 -5.44
CA VAL C 197 3.68 -53.22 -4.61
C VAL C 197 4.74 -53.87 -5.50
N THR C 198 6.01 -53.57 -5.20
CA THR C 198 7.15 -54.13 -5.90
C THR C 198 7.66 -55.33 -5.12
N VAL C 199 7.89 -56.44 -5.82
CA VAL C 199 8.37 -57.67 -5.20
C VAL C 199 9.48 -58.24 -6.08
N PRO C 200 10.43 -59.00 -5.53
CA PRO C 200 11.44 -59.64 -6.38
C PRO C 200 10.81 -60.61 -7.37
N SER C 201 11.48 -60.75 -8.53
CA SER C 201 10.94 -61.58 -9.59
C SER C 201 10.83 -63.04 -9.18
N SER C 202 11.80 -63.53 -8.37
CA SER C 202 11.78 -64.92 -7.95
C SER C 202 10.60 -65.24 -7.04
N SER C 203 9.97 -64.23 -6.45
CA SER C 203 8.85 -64.44 -5.53
C SER C 203 7.50 -64.52 -6.24
N LEU C 204 7.48 -64.42 -7.57
CA LEU C 204 6.20 -64.46 -8.29
C LEU C 204 5.52 -65.81 -8.15
N GLY C 205 6.28 -66.90 -8.29
CA GLY C 205 5.69 -68.23 -8.28
C GLY C 205 5.55 -68.87 -6.92
N THR C 206 6.27 -68.34 -5.93
CA THR C 206 6.26 -68.91 -4.58
C THR C 206 5.51 -68.05 -3.58
N GLN C 207 4.74 -67.06 -4.03
CA GLN C 207 3.99 -66.19 -3.14
C GLN C 207 2.68 -65.77 -3.80
N THR C 208 1.64 -65.67 -2.98
CA THR C 208 0.33 -65.20 -3.44
C THR C 208 0.05 -63.84 -2.82
N TYR C 209 -0.54 -62.95 -3.62
CA TYR C 209 -0.74 -61.56 -3.23
C TYR C 209 -2.23 -61.23 -3.27
N ILE C 210 -2.77 -60.79 -2.15
CA ILE C 210 -4.19 -60.48 -1.99
C ILE C 210 -4.31 -59.03 -1.55
N CYS C 211 -5.09 -58.24 -2.29
CA CYS C 211 -5.33 -56.84 -1.97
C CYS C 211 -6.79 -56.67 -1.55
N ASN C 212 -7.00 -55.99 -0.43
CA ASN C 212 -8.33 -55.79 0.13
C ASN C 212 -8.63 -54.30 0.18
N VAL C 213 -9.76 -53.90 -0.39
CA VAL C 213 -10.19 -52.51 -0.43
C VAL C 213 -11.55 -52.40 0.26
N ASN C 214 -11.66 -51.44 1.16
CA ASN C 214 -12.86 -51.19 1.94
C ASN C 214 -13.39 -49.81 1.64
N HIS C 215 -14.69 -49.72 1.36
CA HIS C 215 -15.36 -48.48 0.96
C HIS C 215 -16.52 -48.26 1.93
N LYS C 216 -16.33 -47.35 2.89
CA LYS C 216 -17.35 -47.09 3.90
C LYS C 216 -18.64 -46.52 3.34
N PRO C 217 -18.64 -45.48 2.50
CA PRO C 217 -19.93 -44.94 2.01
C PRO C 217 -20.77 -45.96 1.27
N SER C 218 -20.15 -46.83 0.48
CA SER C 218 -20.87 -47.93 -0.17
C SER C 218 -20.82 -49.22 0.62
N ASN C 219 -20.05 -49.26 1.72
CA ASN C 219 -19.94 -50.45 2.57
C ASN C 219 -19.56 -51.67 1.75
N THR C 220 -18.56 -51.50 0.88
CA THR C 220 -18.15 -52.54 -0.06
C THR C 220 -16.74 -53.00 0.28
N LYS C 221 -16.57 -54.31 0.48
CA LYS C 221 -15.28 -54.91 0.74
C LYS C 221 -14.94 -55.83 -0.44
N VAL C 222 -13.83 -55.55 -1.11
CA VAL C 222 -13.42 -56.33 -2.28
C VAL C 222 -12.00 -56.85 -2.05
N ASP C 223 -11.84 -58.16 -2.15
CA ASP C 223 -10.53 -58.80 -2.05
C ASP C 223 -10.20 -59.43 -3.40
N LYS C 224 -9.08 -59.02 -3.99
CA LYS C 224 -8.67 -59.50 -5.30
C LYS C 224 -7.24 -60.02 -5.25
N ARG C 225 -7.01 -61.16 -5.89
CA ARG C 225 -5.68 -61.76 -5.97
C ARG C 225 -5.04 -61.44 -7.31
N VAL C 226 -3.75 -61.13 -7.27
CA VAL C 226 -2.98 -60.78 -8.47
C VAL C 226 -1.88 -61.81 -8.65
N GLU C 227 -1.85 -62.45 -9.81
CA GLU C 227 -0.86 -63.45 -10.15
C GLU C 227 -0.24 -63.13 -11.50
N PRO C 228 1.02 -63.51 -11.71
CA PRO C 228 1.65 -63.26 -13.01
C PRO C 228 1.03 -64.11 -14.11
N LYS C 229 1.06 -63.58 -15.32
CA LYS C 229 0.57 -64.27 -16.51
C LYS C 229 1.60 -64.15 -17.62
N SER C 230 1.59 -65.13 -18.52
CA SER C 230 2.54 -65.20 -19.62
C SER C 230 1.81 -64.92 -20.94
N CYS C 231 2.60 -64.94 -22.02
CA CYS C 231 2.06 -64.67 -23.35
C CYS C 231 1.57 -65.96 -24.01
N VAL D 1 -16.99 24.46 -9.61
CA VAL D 1 -16.75 25.27 -8.42
C VAL D 1 -15.54 26.17 -8.64
N GLN D 2 -15.75 27.47 -8.49
CA GLN D 2 -14.72 28.47 -8.76
C GLN D 2 -14.38 29.23 -7.48
N LEU D 3 -13.10 29.31 -7.16
CA LEU D 3 -12.59 30.13 -6.07
C LEU D 3 -11.65 31.16 -6.68
N VAL D 4 -12.06 32.43 -6.63
CA VAL D 4 -11.31 33.52 -7.25
C VAL D 4 -10.64 34.33 -6.15
N GLU D 5 -9.31 34.37 -6.19
CA GLU D 5 -8.52 35.10 -5.22
C GLU D 5 -8.28 36.52 -5.71
N SER D 6 -8.17 37.45 -4.76
CA SER D 6 -7.92 38.84 -5.09
C SER D 6 -7.29 39.53 -3.87
N GLY D 7 -6.68 40.68 -4.13
CA GLY D 7 -6.08 41.47 -3.07
C GLY D 7 -4.58 41.36 -2.95
N GLY D 8 -3.92 40.63 -3.85
CA GLY D 8 -2.48 40.53 -3.79
C GLY D 8 -1.79 41.80 -4.23
N GLY D 9 -0.52 41.92 -3.86
CA GLY D 9 0.25 43.10 -4.19
C GLY D 9 1.51 43.16 -3.36
N LEU D 10 2.19 44.29 -3.44
CA LEU D 10 3.43 44.52 -2.71
C LEU D 10 3.20 45.55 -1.61
N VAL D 11 3.83 45.33 -0.46
CA VAL D 11 3.71 46.20 0.69
C VAL D 11 5.07 46.34 1.37
N GLN D 12 5.20 47.42 2.14
CA GLN D 12 6.40 47.63 2.93
C GLN D 12 6.41 46.67 4.12
N PRO D 13 7.59 46.38 4.68
CA PRO D 13 7.64 45.55 5.89
C PRO D 13 6.86 46.19 7.02
N GLY D 14 6.20 45.36 7.81
CA GLY D 14 5.38 45.82 8.91
C GLY D 14 4.02 46.34 8.52
N GLY D 15 3.66 46.29 7.24
CA GLY D 15 2.38 46.77 6.78
C GLY D 15 1.27 45.75 7.00
N SER D 16 0.10 46.08 6.46
CA SER D 16 -1.07 45.22 6.53
C SER D 16 -1.57 44.94 5.12
N LEU D 17 -2.43 43.92 5.02
CA LEU D 17 -3.04 43.58 3.75
C LEU D 17 -4.33 42.81 4.01
N ARG D 18 -5.20 42.79 3.01
CA ARG D 18 -6.43 42.01 3.07
C ARG D 18 -6.55 41.22 1.78
N LEU D 19 -6.68 39.90 1.91
CA LEU D 19 -6.88 39.00 0.78
C LEU D 19 -8.31 38.49 0.80
N SER D 20 -8.93 38.45 -0.38
CA SER D 20 -10.31 38.00 -0.54
C SER D 20 -10.36 36.77 -1.43
N CYS D 21 -11.33 35.90 -1.14
CA CYS D 21 -11.59 34.70 -1.93
C CYS D 21 -13.09 34.62 -2.17
N ALA D 22 -13.51 34.91 -3.40
CA ALA D 22 -14.91 34.81 -3.78
C ALA D 22 -15.20 33.38 -4.25
N ALA D 23 -16.22 32.77 -3.68
CA ALA D 23 -16.56 31.39 -3.97
C ALA D 23 -17.83 31.32 -4.80
N SER D 24 -17.90 30.30 -5.65
CA SER D 24 -19.09 30.02 -6.44
C SER D 24 -19.43 28.55 -6.31
N GLU D 25 -20.74 28.26 -6.27
CA GLU D 25 -21.28 26.90 -6.28
C GLU D 25 -21.06 26.19 -4.94
N ILE D 26 -20.33 26.82 -4.03
CA ILE D 26 -20.10 26.28 -2.69
C ILE D 26 -20.24 27.39 -1.67
N THR D 27 -20.86 27.07 -0.53
CA THR D 27 -21.02 28.04 0.55
C THR D 27 -19.74 28.07 1.39
N VAL D 28 -19.23 29.29 1.62
CA VAL D 28 -17.99 29.44 2.38
C VAL D 28 -18.23 29.10 3.85
N SER D 29 -19.37 29.53 4.40
CA SER D 29 -19.68 29.29 5.81
C SER D 29 -20.19 27.88 6.09
N SER D 30 -20.06 26.97 5.13
CA SER D 30 -20.47 25.59 5.31
C SER D 30 -19.35 24.59 5.03
N ASN D 31 -18.15 25.06 4.67
CA ASN D 31 -17.04 24.21 4.32
C ASN D 31 -15.80 24.62 5.10
N TYR D 32 -14.93 23.64 5.34
CA TYR D 32 -13.61 23.93 5.91
C TYR D 32 -12.81 24.75 4.90
N MET D 33 -12.49 25.99 5.23
CA MET D 33 -11.84 26.90 4.30
C MET D 33 -10.42 27.19 4.77
N ASN D 34 -9.45 26.98 3.88
CA ASN D 34 -8.05 27.08 4.24
C ASN D 34 -7.35 28.13 3.40
N TRP D 35 -6.34 28.76 3.99
CA TRP D 35 -5.38 29.59 3.28
C TRP D 35 -4.03 28.89 3.32
N VAL D 36 -3.46 28.67 2.13
CA VAL D 36 -2.19 27.97 1.95
C VAL D 36 -1.27 28.84 1.14
N ARG D 37 -0.05 29.05 1.63
CA ARG D 37 0.92 29.88 0.95
C ARG D 37 2.03 29.03 0.33
N GLN D 38 2.57 29.52 -0.78
CA GLN D 38 3.67 28.85 -1.47
C GLN D 38 4.70 29.91 -1.85
N ALA D 39 5.90 29.80 -1.30
CA ALA D 39 6.95 30.75 -1.63
C ALA D 39 7.39 30.54 -3.09
N PRO D 40 7.87 31.60 -3.75
CA PRO D 40 8.28 31.46 -5.15
C PRO D 40 9.43 30.49 -5.32
N GLY D 41 9.16 29.36 -5.98
CA GLY D 41 10.13 28.31 -6.19
C GLY D 41 10.17 27.28 -5.09
N LYS D 42 9.55 27.54 -3.94
CA LYS D 42 9.58 26.63 -2.81
C LYS D 42 8.31 25.77 -2.80
N GLY D 43 8.11 25.01 -1.73
CA GLY D 43 6.98 24.12 -1.63
C GLY D 43 5.78 24.75 -0.92
N LEU D 44 4.72 23.96 -0.83
CA LEU D 44 3.48 24.44 -0.22
C LEU D 44 3.60 24.50 1.30
N GLU D 45 2.86 25.44 1.89
CA GLU D 45 2.85 25.60 3.34
C GLU D 45 1.46 26.02 3.78
N TRP D 46 0.84 25.21 4.62
CA TRP D 46 -0.46 25.57 5.19
C TRP D 46 -0.31 26.76 6.11
N VAL D 47 -1.28 27.69 6.04
CA VAL D 47 -1.24 28.93 6.81
C VAL D 47 -2.38 28.98 7.83
N SER D 48 -3.61 28.83 7.37
CA SER D 48 -4.74 28.99 8.29
C SER D 48 -5.92 28.16 7.83
N VAL D 49 -6.83 27.90 8.78
CA VAL D 49 -8.06 27.15 8.49
C VAL D 49 -9.18 27.74 9.32
N VAL D 50 -10.39 27.72 8.76
CA VAL D 50 -11.61 28.09 9.47
C VAL D 50 -12.63 26.97 9.27
N TYR D 51 -13.25 26.55 10.38
CA TYR D 51 -14.23 25.49 10.39
C TYR D 51 -15.60 26.03 9.96
N PRO D 52 -16.50 25.15 9.53
CA PRO D 52 -17.87 25.61 9.21
C PRO D 52 -18.57 26.26 10.39
N GLY D 53 -18.30 25.82 11.62
CA GLY D 53 -18.93 26.39 12.79
C GLY D 53 -18.33 27.67 13.31
N GLY D 54 -17.16 28.07 12.81
CA GLY D 54 -16.54 29.32 13.19
C GLY D 54 -15.16 29.18 13.81
N SER D 55 -14.78 27.98 14.25
CA SER D 55 -13.46 27.81 14.86
C SER D 55 -12.36 28.06 13.84
N THR D 56 -11.29 28.71 14.30
CA THR D 56 -10.18 29.09 13.44
C THR D 56 -8.88 28.59 14.04
N PHE D 57 -7.99 28.12 13.17
CA PHE D 57 -6.67 27.64 13.58
C PHE D 57 -5.61 28.23 12.66
N TYR D 58 -4.44 28.49 13.23
CA TYR D 58 -3.34 29.15 12.54
C TYR D 58 -2.05 28.39 12.79
N THR D 59 -1.14 28.47 11.82
CA THR D 59 0.19 27.92 12.04
C THR D 59 0.96 28.81 13.03
N ASP D 60 2.06 28.25 13.55
CA ASP D 60 2.80 28.94 14.61
C ASP D 60 3.39 30.26 14.12
N SER D 61 3.91 30.28 12.89
CA SER D 61 4.63 31.46 12.40
C SER D 61 3.71 32.66 12.17
N VAL D 62 2.40 32.46 12.07
CA VAL D 62 1.46 33.54 11.78
C VAL D 62 0.52 33.84 12.93
N LYS D 63 0.63 33.11 14.04
CA LYS D 63 -0.25 33.36 15.18
C LYS D 63 0.04 34.74 15.77
N GLY D 64 -1.02 35.51 16.00
CA GLY D 64 -0.91 36.83 16.57
C GLY D 64 -0.92 37.96 15.55
N ARG D 65 -0.67 37.67 14.28
CA ARG D 65 -0.65 38.69 13.25
C ARG D 65 -1.56 38.40 12.07
N PHE D 66 -2.18 37.22 12.00
CA PHE D 66 -3.10 36.88 10.92
C PHE D 66 -4.50 36.65 11.50
N THR D 67 -5.51 36.96 10.69
CA THR D 67 -6.89 36.70 11.06
C THR D 67 -7.62 36.16 9.84
N ILE D 68 -8.48 35.17 10.06
CA ILE D 68 -9.28 34.58 9.00
C ILE D 68 -10.75 34.75 9.34
N SER D 69 -11.55 35.16 8.35
CA SER D 69 -12.96 35.43 8.57
C SER D 69 -13.75 35.01 7.35
N ARG D 70 -15.06 34.86 7.54
CA ARG D 70 -15.98 34.57 6.46
C ARG D 70 -16.90 35.76 6.24
N ASP D 71 -17.72 35.66 5.19
CA ASP D 71 -18.75 36.67 4.94
C ASP D 71 -19.88 35.99 4.18
N ASN D 72 -20.98 35.72 4.86
CA ASN D 72 -22.13 35.06 4.25
C ASN D 72 -22.94 36.01 3.37
N SER D 73 -22.75 37.31 3.49
CA SER D 73 -23.45 38.25 2.62
C SER D 73 -22.94 38.13 1.18
N LYS D 74 -21.64 38.33 0.99
CA LYS D 74 -21.02 38.20 -0.32
C LYS D 74 -20.47 36.81 -0.59
N ASN D 75 -20.60 35.89 0.38
CA ASN D 75 -20.09 34.53 0.26
C ASN D 75 -18.60 34.54 -0.07
N THR D 76 -17.83 35.15 0.82
CA THR D 76 -16.41 35.36 0.59
C THR D 76 -15.61 34.94 1.81
N LEU D 77 -14.32 34.69 1.58
CA LEU D 77 -13.36 34.38 2.62
C LEU D 77 -12.33 35.50 2.70
N TYR D 78 -11.95 35.87 3.92
CA TYR D 78 -11.08 37.01 4.15
C TYR D 78 -9.87 36.60 4.97
N LEU D 79 -8.70 37.06 4.55
CA LEU D 79 -7.45 36.84 5.26
C LEU D 79 -6.81 38.21 5.52
N GLN D 80 -6.83 38.64 6.78
CA GLN D 80 -6.24 39.91 7.17
C GLN D 80 -4.84 39.66 7.72
N MET D 81 -3.86 40.39 7.17
CA MET D 81 -2.45 40.20 7.47
C MET D 81 -1.89 41.46 8.10
N ASN D 82 -1.16 41.31 9.19
CA ASN D 82 -0.53 42.41 9.89
C ASN D 82 0.90 42.05 10.22
N SER D 83 1.72 43.08 10.43
CA SER D 83 3.13 42.92 10.79
C SER D 83 3.85 42.02 9.78
N LEU D 84 3.60 42.30 8.50
CA LEU D 84 4.15 41.49 7.43
C LEU D 84 5.68 41.61 7.39
N ARG D 85 6.32 40.55 6.90
CA ARG D 85 7.77 40.49 6.80
C ARG D 85 8.15 39.69 5.57
N ALA D 86 9.44 39.75 5.21
CA ALA D 86 9.91 39.17 3.95
C ALA D 86 9.64 37.67 3.85
N GLU D 87 9.44 36.99 4.99
CA GLU D 87 9.03 35.59 4.95
C GLU D 87 7.63 35.40 4.43
N ASP D 88 6.85 36.46 4.29
CA ASP D 88 5.47 36.38 3.81
C ASP D 88 5.38 36.54 2.29
N THR D 89 6.50 36.74 1.60
CA THR D 89 6.50 36.85 0.15
C THR D 89 6.16 35.49 -0.45
N ALA D 90 4.94 35.36 -0.97
CA ALA D 90 4.48 34.06 -1.46
C ALA D 90 3.19 34.26 -2.25
N VAL D 91 2.77 33.18 -2.92
CA VAL D 91 1.48 33.13 -3.61
C VAL D 91 0.50 32.41 -2.70
N TYR D 92 -0.65 33.03 -2.46
CA TYR D 92 -1.65 32.52 -1.52
C TYR D 92 -2.83 31.93 -2.27
N TYR D 93 -3.31 30.78 -1.76
CA TYR D 93 -4.44 30.06 -2.30
C TYR D 93 -5.50 29.90 -1.21
N CYS D 94 -6.75 30.14 -1.55
CA CYS D 94 -7.88 29.77 -0.70
C CYS D 94 -8.46 28.48 -1.23
N ALA D 95 -8.55 27.47 -0.37
CA ALA D 95 -8.87 26.12 -0.77
C ALA D 95 -9.96 25.53 0.12
N ARG D 96 -10.68 24.55 -0.44
CA ARG D 96 -11.70 23.83 0.30
C ARG D 96 -11.11 22.51 0.81
N GLU D 97 -11.25 22.26 2.11
CA GLU D 97 -10.71 21.06 2.74
C GLU D 97 -11.83 20.06 2.97
N SER D 98 -11.50 18.76 2.81
CA SER D 98 -12.42 17.66 3.06
C SER D 98 -13.66 17.77 2.16
N GLY D 99 -13.40 17.71 0.86
CA GLY D 99 -14.45 17.71 -0.15
C GLY D 99 -14.25 16.56 -1.11
N GLY D 100 -14.58 16.80 -2.37
CA GLY D 100 -14.46 15.76 -3.38
C GLY D 100 -15.56 14.73 -3.27
N PHE D 101 -15.91 14.10 -4.40
CA PHE D 101 -16.98 13.11 -4.37
C PHE D 101 -16.69 11.95 -3.42
N PRO D 102 -15.49 11.35 -3.40
CA PRO D 102 -15.22 10.34 -2.37
C PRO D 102 -15.18 10.88 -0.95
N LEU D 103 -15.13 12.21 -0.76
CA LEU D 103 -15.12 12.84 0.56
C LEU D 103 -13.94 12.34 1.39
N ALA D 104 -12.76 12.77 0.96
CA ALA D 104 -11.52 12.52 1.67
C ALA D 104 -11.27 13.62 2.69
N GLU D 105 -11.18 13.24 3.97
CA GLU D 105 -10.91 14.22 5.01
C GLU D 105 -9.46 14.72 4.93
N GLY D 106 -9.29 16.01 5.21
CA GLY D 106 -7.98 16.61 5.26
C GLY D 106 -7.34 16.91 3.92
N ALA D 107 -8.06 16.69 2.82
CA ALA D 107 -7.51 16.90 1.48
C ALA D 107 -8.15 18.13 0.85
N PHE D 108 -7.33 18.91 0.15
CA PHE D 108 -7.80 20.13 -0.51
C PHE D 108 -8.21 19.78 -1.93
N ASP D 109 -9.50 19.51 -2.13
CA ASP D 109 -9.97 19.12 -3.45
C ASP D 109 -10.04 20.31 -4.40
N ILE D 110 -10.52 21.46 -3.93
CA ILE D 110 -10.75 22.63 -4.77
C ILE D 110 -9.78 23.73 -4.34
N TRP D 111 -9.06 24.28 -5.31
CA TRP D 111 -8.05 25.31 -5.09
C TRP D 111 -8.39 26.56 -5.88
N GLY D 112 -8.00 27.71 -5.34
CA GLY D 112 -8.07 28.95 -6.07
C GLY D 112 -6.87 29.15 -6.98
N GLN D 113 -6.85 30.29 -7.67
CA GLN D 113 -5.76 30.58 -8.58
C GLN D 113 -4.56 31.19 -7.86
N GLY D 114 -4.74 31.74 -6.67
CA GLY D 114 -3.65 32.30 -5.90
C GLY D 114 -3.25 33.71 -6.31
N THR D 115 -2.95 34.56 -5.33
CA THR D 115 -2.46 35.90 -5.58
C THR D 115 -1.11 36.10 -4.89
N MET D 116 -0.25 36.88 -5.53
CA MET D 116 1.11 37.06 -5.05
C MET D 116 1.19 38.23 -4.07
N VAL D 117 1.78 37.99 -2.91
CA VAL D 117 2.00 39.00 -1.90
C VAL D 117 3.50 39.16 -1.73
N THR D 118 3.99 40.39 -1.89
CA THR D 118 5.39 40.72 -1.77
C THR D 118 5.60 41.67 -0.60
N VAL D 119 6.64 41.42 0.18
CA VAL D 119 6.96 42.23 1.36
C VAL D 119 8.39 42.74 1.17
N SER D 120 8.52 43.97 0.69
CA SER D 120 9.83 44.57 0.49
C SER D 120 9.67 46.09 0.47
N SER D 121 10.78 46.77 0.73
CA SER D 121 10.83 48.23 0.77
C SER D 121 11.77 48.76 -0.31
N ALA D 122 11.66 48.22 -1.52
CA ALA D 122 12.60 48.53 -2.58
C ALA D 122 12.35 49.86 -3.26
N SER D 123 11.21 50.52 -3.00
CA SER D 123 10.90 51.83 -3.57
C SER D 123 10.91 51.76 -5.10
N THR D 124 9.91 51.04 -5.62
CA THR D 124 9.84 50.60 -7.00
C THR D 124 10.41 51.61 -7.99
N LYS D 125 11.30 51.13 -8.85
CA LYS D 125 12.02 51.96 -9.81
C LYS D 125 12.01 51.24 -11.16
N GLY D 126 12.83 51.75 -12.09
CA GLY D 126 12.89 51.19 -13.42
C GLY D 126 14.13 50.37 -13.67
N PRO D 127 14.17 49.68 -14.81
CA PRO D 127 15.28 48.77 -15.10
C PRO D 127 16.42 49.41 -15.88
N SER D 128 17.62 48.87 -15.64
CA SER D 128 18.79 49.23 -16.42
C SER D 128 19.06 48.13 -17.46
N VAL D 129 19.43 48.55 -18.66
CA VAL D 129 19.64 47.64 -19.79
C VAL D 129 21.10 47.75 -20.22
N PHE D 130 21.77 46.59 -20.30
CA PHE D 130 23.18 46.53 -20.67
C PHE D 130 23.34 45.56 -21.83
N PRO D 131 23.89 45.98 -22.96
CA PRO D 131 24.04 45.06 -24.09
C PRO D 131 25.11 44.02 -23.82
N LEU D 132 24.96 42.88 -24.51
CA LEU D 132 25.92 41.78 -24.39
C LEU D 132 26.22 41.34 -25.82
N ALA D 133 27.36 41.78 -26.34
CA ALA D 133 27.71 41.58 -27.73
C ALA D 133 28.22 40.16 -27.96
N PRO D 134 28.07 39.64 -29.17
CA PRO D 134 28.72 38.37 -29.51
C PRO D 134 30.23 38.53 -29.52
N SER D 135 30.91 37.43 -29.20
CA SER D 135 32.37 37.46 -29.08
C SER D 135 33.02 37.75 -30.43
N SER D 136 34.28 38.15 -30.38
CA SER D 136 35.05 38.49 -31.58
C SER D 136 35.53 37.19 -32.24
N LYS D 137 34.57 36.41 -32.71
CA LYS D 137 34.81 35.12 -33.31
C LYS D 137 34.31 35.13 -34.75
N SER D 138 35.02 34.42 -35.62
CA SER D 138 34.65 34.40 -37.04
C SER D 138 33.42 33.54 -37.28
N THR D 139 33.52 32.24 -37.01
CA THR D 139 32.38 31.34 -37.16
C THR D 139 32.09 30.55 -35.89
N SER D 140 33.10 29.96 -35.25
CA SER D 140 32.92 29.08 -34.10
C SER D 140 31.84 28.02 -34.37
N GLY D 141 31.86 27.47 -35.58
CA GLY D 141 30.82 26.54 -35.98
C GLY D 141 29.55 27.18 -36.47
N GLY D 142 29.60 28.46 -36.84
CA GLY D 142 28.40 29.16 -37.27
C GLY D 142 27.37 29.33 -36.17
N THR D 143 27.82 29.60 -34.95
CA THR D 143 26.93 29.73 -33.80
C THR D 143 27.47 30.82 -32.89
N ALA D 144 26.71 31.91 -32.75
CA ALA D 144 27.09 33.01 -31.87
C ALA D 144 25.95 33.31 -30.91
N ALA D 145 26.31 33.80 -29.72
CA ALA D 145 25.35 34.15 -28.70
C ALA D 145 25.41 35.65 -28.44
N LEU D 146 24.25 36.27 -28.27
CA LEU D 146 24.20 37.69 -27.93
C LEU D 146 23.02 37.88 -26.99
N GLY D 147 22.92 39.06 -26.38
CA GLY D 147 21.81 39.26 -25.47
C GLY D 147 21.77 40.65 -24.87
N CYS D 148 20.84 40.79 -23.93
CA CYS D 148 20.62 42.05 -23.22
C CYS D 148 20.31 41.73 -21.76
N LEU D 149 21.02 42.40 -20.85
CA LEU D 149 20.94 42.17 -19.42
C LEU D 149 20.06 43.25 -18.80
N VAL D 150 18.96 42.84 -18.19
CA VAL D 150 18.06 43.74 -17.49
C VAL D 150 18.35 43.59 -16.00
N LYS D 151 18.89 44.65 -15.40
CA LYS D 151 19.39 44.60 -14.04
C LYS D 151 18.87 45.79 -13.24
N ASP D 152 18.83 45.61 -11.91
CA ASP D 152 18.52 46.69 -10.97
C ASP D 152 17.12 47.26 -11.22
N TYR D 153 16.12 46.42 -11.01
CA TYR D 153 14.73 46.81 -11.18
C TYR D 153 13.88 46.11 -10.14
N PHE D 154 12.67 46.63 -9.94
CA PHE D 154 11.72 46.08 -8.98
C PHE D 154 10.35 46.71 -9.18
N PRO D 155 9.25 45.94 -9.02
CA PRO D 155 9.20 44.48 -8.83
C PRO D 155 8.97 43.71 -10.13
N GLU D 156 8.60 42.45 -9.99
CA GLU D 156 8.17 41.62 -11.10
C GLU D 156 6.70 41.87 -11.41
N PRO D 157 6.20 41.42 -12.58
CA PRO D 157 6.82 40.92 -13.81
C PRO D 157 7.73 41.90 -14.54
N VAL D 158 8.19 41.47 -15.71
CA VAL D 158 8.95 42.29 -16.66
C VAL D 158 8.93 41.53 -17.99
N THR D 159 8.95 42.24 -19.11
CA THR D 159 8.91 41.57 -20.40
C THR D 159 10.12 42.00 -21.24
N VAL D 160 10.70 41.04 -21.96
CA VAL D 160 11.83 41.28 -22.86
C VAL D 160 11.54 40.58 -24.18
N SER D 161 11.73 41.31 -25.28
CA SER D 161 11.48 40.78 -26.61
C SER D 161 12.62 41.17 -27.54
N TRP D 162 12.72 40.46 -28.66
CA TRP D 162 13.77 40.70 -29.65
C TRP D 162 13.15 40.99 -31.00
N ASN D 163 13.70 42.00 -31.69
CA ASN D 163 13.18 42.45 -32.97
C ASN D 163 11.70 42.79 -32.87
N SER D 164 11.32 43.43 -31.77
CA SER D 164 9.92 43.70 -31.43
C SER D 164 9.09 42.42 -31.40
N GLY D 165 9.70 41.33 -30.93
CA GLY D 165 9.03 40.04 -30.86
C GLY D 165 9.06 39.23 -32.13
N ALA D 166 9.86 39.62 -33.13
CA ALA D 166 9.94 38.91 -34.39
C ALA D 166 11.07 37.90 -34.45
N LEU D 167 11.84 37.73 -33.37
CA LEU D 167 12.94 36.79 -33.32
C LEU D 167 12.65 35.73 -32.27
N THR D 168 12.71 34.45 -32.67
CA THR D 168 12.45 33.35 -31.77
C THR D 168 13.44 32.20 -31.92
N SER D 169 14.39 32.28 -32.85
CA SER D 169 15.35 31.20 -33.05
C SER D 169 16.47 31.33 -32.02
N GLY D 170 16.55 30.37 -31.10
CA GLY D 170 17.57 30.41 -30.07
C GLY D 170 17.29 31.38 -28.95
N VAL D 171 16.07 31.92 -28.86
CA VAL D 171 15.74 32.90 -27.83
C VAL D 171 15.54 32.18 -26.50
N HIS D 172 16.18 32.68 -25.45
CA HIS D 172 16.07 32.13 -24.12
C HIS D 172 15.99 33.25 -23.10
N THR D 173 15.12 33.08 -22.11
CA THR D 173 14.99 33.98 -20.98
C THR D 173 15.22 33.21 -19.69
N PHE D 174 15.64 33.92 -18.66
CA PHE D 174 15.95 33.29 -17.38
C PHE D 174 15.17 33.96 -16.26
N PRO D 175 14.66 33.19 -15.32
CA PRO D 175 13.89 33.79 -14.21
C PRO D 175 14.73 34.77 -13.42
N ALA D 176 14.08 35.86 -13.00
CA ALA D 176 14.78 36.89 -12.25
C ALA D 176 15.26 36.36 -10.91
N VAL D 177 16.42 36.86 -10.47
CA VAL D 177 17.06 36.44 -9.23
C VAL D 177 17.02 37.60 -8.25
N LEU D 178 16.61 37.32 -7.02
CA LEU D 178 16.55 38.33 -5.97
C LEU D 178 17.96 38.50 -5.39
N GLN D 179 18.58 39.65 -5.65
CA GLN D 179 19.91 39.93 -5.15
C GLN D 179 19.81 40.44 -3.72
N SER D 180 20.93 40.86 -3.15
CA SER D 180 20.95 41.34 -1.77
C SER D 180 20.41 42.75 -1.62
N SER D 181 20.34 43.52 -2.71
CA SER D 181 19.85 44.90 -2.64
C SER D 181 18.34 44.99 -2.75
N GLY D 182 17.64 43.86 -2.90
CA GLY D 182 16.21 43.87 -3.09
C GLY D 182 15.75 44.08 -4.52
N LEU D 183 16.68 44.33 -5.44
CA LEU D 183 16.35 44.52 -6.85
C LEU D 183 16.29 43.17 -7.55
N TYR D 184 16.25 43.17 -8.87
CA TYR D 184 16.21 41.93 -9.64
C TYR D 184 17.12 42.05 -10.84
N SER D 185 17.59 40.89 -11.32
CA SER D 185 18.43 40.80 -12.49
C SER D 185 17.97 39.63 -13.35
N LEU D 186 18.23 39.75 -14.66
CA LEU D 186 18.06 38.64 -15.59
C LEU D 186 18.72 39.02 -16.91
N SER D 187 18.79 38.06 -17.81
CA SER D 187 19.32 38.27 -19.15
C SER D 187 18.40 37.59 -20.15
N SER D 188 18.20 38.24 -21.29
CA SER D 188 17.50 37.63 -22.42
C SER D 188 18.51 37.49 -23.55
N VAL D 189 18.68 36.26 -24.03
CA VAL D 189 19.76 35.95 -24.97
C VAL D 189 19.18 35.26 -26.20
N VAL D 190 19.94 35.31 -27.28
CA VAL D 190 19.56 34.71 -28.55
C VAL D 190 20.79 34.09 -29.19
N THR D 191 20.61 32.92 -29.79
CA THR D 191 21.63 32.25 -30.58
C THR D 191 21.36 32.52 -32.05
N VAL D 192 22.33 33.14 -32.72
CA VAL D 192 22.19 33.59 -34.10
C VAL D 192 23.38 33.07 -34.90
N PRO D 193 23.23 32.82 -36.20
CA PRO D 193 24.39 32.42 -37.00
C PRO D 193 25.44 33.51 -37.08
N SER D 194 26.68 33.08 -37.31
CA SER D 194 27.81 34.01 -37.33
C SER D 194 27.68 35.02 -38.46
N SER D 195 27.21 34.58 -39.62
CA SER D 195 27.07 35.47 -40.77
C SER D 195 26.01 36.54 -40.58
N SER D 196 25.18 36.43 -39.55
CA SER D 196 24.11 37.38 -39.30
C SER D 196 24.56 38.59 -38.48
N LEU D 197 25.83 38.65 -38.08
CA LEU D 197 26.31 39.75 -37.26
C LEU D 197 26.61 41.01 -38.06
N GLY D 198 26.67 40.92 -39.39
CA GLY D 198 27.10 42.05 -40.19
C GLY D 198 26.01 42.98 -40.69
N THR D 199 25.00 42.43 -41.36
CA THR D 199 24.00 43.23 -42.06
C THR D 199 22.78 43.54 -41.22
N GLN D 200 22.06 42.49 -40.78
CA GLN D 200 20.79 42.70 -40.09
C GLN D 200 21.02 43.32 -38.71
N THR D 201 20.12 44.23 -38.35
CA THR D 201 20.20 44.93 -37.06
C THR D 201 19.32 44.24 -36.03
N TYR D 202 19.87 44.07 -34.83
CA TYR D 202 19.16 43.44 -33.72
C TYR D 202 18.97 44.43 -32.59
N ILE D 203 17.76 44.44 -32.02
CA ILE D 203 17.43 45.28 -30.88
C ILE D 203 16.75 44.42 -29.82
N CYS D 204 16.78 44.91 -28.59
CA CYS D 204 16.08 44.27 -27.48
C CYS D 204 15.13 45.29 -26.87
N ASN D 205 13.88 44.88 -26.66
CA ASN D 205 12.85 45.72 -26.07
C ASN D 205 12.55 45.21 -24.66
N VAL D 206 12.57 46.12 -23.69
CA VAL D 206 12.31 45.80 -22.29
C VAL D 206 11.17 46.66 -21.80
N ASN D 207 10.17 46.03 -21.20
CA ASN D 207 8.99 46.70 -20.66
C ASN D 207 8.87 46.37 -19.19
N HIS D 208 8.91 47.40 -18.35
CA HIS D 208 8.67 47.30 -16.91
C HIS D 208 7.39 48.07 -16.61
N LYS D 209 6.41 47.41 -16.00
CA LYS D 209 5.09 48.00 -15.90
C LYS D 209 4.93 49.05 -14.78
N PRO D 210 5.43 48.84 -13.55
CA PRO D 210 5.10 49.83 -12.51
C PRO D 210 5.82 51.15 -12.72
N SER D 211 7.09 51.12 -13.11
CA SER D 211 7.76 52.32 -13.58
C SER D 211 7.36 52.70 -14.99
N ASN D 212 6.69 51.79 -15.72
CA ASN D 212 6.29 52.03 -17.10
C ASN D 212 7.47 52.41 -17.98
N THR D 213 8.59 51.74 -17.77
CA THR D 213 9.82 52.01 -18.52
C THR D 213 9.84 51.08 -19.74
N LYS D 214 9.77 51.68 -20.93
CA LYS D 214 9.83 50.97 -22.20
C LYS D 214 11.11 51.39 -22.91
N VAL D 215 12.11 50.51 -22.93
CA VAL D 215 13.42 50.84 -23.48
C VAL D 215 13.75 49.86 -24.59
N ASP D 216 14.14 50.38 -25.75
CA ASP D 216 14.62 49.56 -26.86
C ASP D 216 16.07 49.92 -27.13
N LYS D 217 16.95 48.93 -26.98
CA LYS D 217 18.38 49.12 -27.10
C LYS D 217 18.93 48.29 -28.25
N ARG D 218 20.15 48.61 -28.65
CA ARG D 218 20.80 48.01 -29.80
C ARG D 218 21.97 47.15 -29.37
N VAL D 219 22.16 46.02 -30.07
CA VAL D 219 23.25 45.10 -29.81
C VAL D 219 24.08 44.97 -31.07
N GLU D 220 25.36 45.38 -30.98
CA GLU D 220 26.32 45.28 -32.07
C GLU D 220 27.57 44.64 -31.50
N PRO D 221 28.37 43.95 -32.32
CA PRO D 221 29.63 43.38 -31.83
C PRO D 221 30.77 44.39 -31.94
N LYS D 222 31.90 44.01 -31.37
CA LYS D 222 33.08 44.88 -31.34
C LYS D 222 34.32 44.06 -31.64
N SER D 223 35.33 44.73 -32.18
CA SER D 223 36.61 44.11 -32.45
C SER D 223 37.58 44.38 -31.30
N CYS D 224 38.44 43.39 -31.03
CA CYS D 224 39.41 43.50 -29.95
C CYS D 224 40.62 44.33 -30.37
N ASP E 1 4.50 17.39 14.53
CA ASP E 1 5.93 17.47 14.23
C ASP E 1 6.35 16.35 13.29
N ILE E 2 5.46 16.00 12.37
CA ILE E 2 5.70 14.93 11.40
C ILE E 2 6.20 15.54 10.10
N GLN E 3 7.34 15.06 9.62
CA GLN E 3 7.96 15.56 8.41
C GLN E 3 7.95 14.48 7.34
N MET E 4 7.55 14.85 6.13
CA MET E 4 7.46 13.94 5.00
C MET E 4 8.61 14.19 4.05
N THR E 5 9.27 13.10 3.63
CA THR E 5 10.37 13.16 2.68
C THR E 5 9.96 12.44 1.40
N GLN E 6 10.18 13.08 0.26
CA GLN E 6 9.82 12.53 -1.04
C GLN E 6 11.07 12.09 -1.79
N SER E 7 11.01 10.93 -2.41
CA SER E 7 12.11 10.38 -3.19
C SER E 7 11.61 9.88 -4.53
N PRO E 8 12.34 10.15 -5.62
CA PRO E 8 13.50 11.04 -5.60
C PRO E 8 13.08 12.51 -5.66
N SER E 9 14.01 13.42 -5.41
CA SER E 9 13.70 14.84 -5.57
C SER E 9 13.38 15.18 -7.02
N SER E 10 14.15 14.62 -7.95
CA SER E 10 13.89 14.77 -9.38
C SER E 10 13.97 13.40 -10.03
N LEU E 11 13.15 13.20 -11.06
CA LEU E 11 13.07 11.91 -11.73
C LEU E 11 12.75 12.14 -13.20
N SER E 12 13.65 11.72 -14.08
CA SER E 12 13.52 11.92 -15.51
C SER E 12 13.15 10.60 -16.18
N ALA E 13 12.07 10.62 -16.97
CA ALA E 13 11.63 9.43 -17.67
C ALA E 13 10.92 9.85 -18.96
N SER E 14 10.92 8.94 -19.92
CA SER E 14 10.26 9.19 -21.19
C SER E 14 8.77 8.86 -21.10
N VAL E 15 8.08 9.00 -22.22
CA VAL E 15 6.65 8.67 -22.28
C VAL E 15 6.50 7.16 -22.37
N GLY E 16 5.62 6.60 -21.54
CA GLY E 16 5.31 5.19 -21.58
C GLY E 16 5.95 4.34 -20.52
N ASP E 17 6.90 4.88 -19.76
CA ASP E 17 7.57 4.13 -18.71
C ASP E 17 6.83 4.28 -17.38
N ARG E 18 6.68 3.16 -16.68
CA ARG E 18 6.08 3.16 -15.36
C ARG E 18 6.96 3.95 -14.39
N VAL E 19 6.36 4.85 -13.63
CA VAL E 19 7.09 5.77 -12.76
C VAL E 19 6.54 5.65 -11.34
N SER E 20 7.44 5.57 -10.36
CA SER E 20 7.07 5.44 -8.96
C SER E 20 7.74 6.55 -8.15
N ILE E 21 6.99 7.09 -7.19
CA ILE E 21 7.48 8.11 -6.27
C ILE E 21 7.12 7.68 -4.86
N THR E 22 8.06 7.84 -3.93
CA THR E 22 7.88 7.39 -2.56
C THR E 22 7.81 8.59 -1.61
N CYS E 23 6.85 8.55 -0.69
CA CYS E 23 6.76 9.51 0.40
C CYS E 23 6.86 8.76 1.71
N ARG E 24 7.80 9.18 2.56
CA ARG E 24 8.07 8.52 3.83
C ARG E 24 7.96 9.53 4.96
N ALA E 25 7.22 9.16 6.01
CA ALA E 25 7.00 10.02 7.16
C ALA E 25 7.97 9.66 8.28
N SER E 26 8.17 10.63 9.19
CA SER E 26 9.01 10.39 10.36
C SER E 26 8.37 9.41 11.33
N GLN E 27 7.06 9.21 11.25
CA GLN E 27 6.35 8.27 12.11
C GLN E 27 5.12 7.78 11.37
N SER E 28 4.56 6.67 11.88
CA SER E 28 3.37 6.09 11.26
C SER E 28 2.21 7.08 11.29
N ILE E 29 1.55 7.23 10.15
CA ILE E 29 0.43 8.17 10.03
C ILE E 29 -0.78 7.46 9.46
N SER E 30 -0.82 6.14 9.60
CA SER E 30 -1.91 5.29 9.11
C SER E 30 -2.07 5.54 7.62
N THR E 31 -3.26 5.87 7.12
CA THR E 31 -3.47 6.16 5.71
C THR E 31 -3.86 7.60 5.46
N HIS E 32 -3.48 8.51 6.35
CA HIS E 32 -3.77 9.94 6.19
C HIS E 32 -2.70 10.61 5.34
N LEU E 33 -2.64 10.17 4.08
CA LEU E 33 -1.68 10.69 3.11
C LEU E 33 -2.41 10.96 1.80
N HIS E 34 -2.07 12.09 1.17
CA HIS E 34 -2.72 12.51 -0.07
C HIS E 34 -1.66 12.93 -1.07
N TRP E 35 -1.94 12.69 -2.35
CA TRP E 35 -1.03 12.99 -3.44
C TRP E 35 -1.66 14.05 -4.33
N TYR E 36 -0.95 15.16 -4.49
CA TYR E 36 -1.37 16.30 -5.30
C TYR E 36 -0.44 16.47 -6.50
N GLN E 37 -0.99 16.96 -7.61
CA GLN E 37 -0.23 17.28 -8.80
C GLN E 37 -0.34 18.76 -9.09
N GLN E 38 0.79 19.39 -9.42
CA GLN E 38 0.83 20.81 -9.74
C GLN E 38 1.73 21.03 -10.94
N LYS E 39 1.19 21.63 -11.97
CA LYS E 39 1.95 22.16 -13.10
C LYS E 39 2.40 23.58 -12.80
N PRO E 40 3.52 24.02 -13.38
CA PRO E 40 4.02 25.36 -13.06
C PRO E 40 3.02 26.44 -13.44
N GLY E 41 2.92 27.45 -12.56
CA GLY E 41 2.02 28.56 -12.78
C GLY E 41 0.56 28.29 -12.51
N LYS E 42 0.22 27.10 -12.00
CA LYS E 42 -1.16 26.73 -11.74
C LYS E 42 -1.29 26.22 -10.31
N ALA E 43 -2.53 26.01 -9.88
CA ALA E 43 -2.81 25.51 -8.55
C ALA E 43 -2.63 23.99 -8.49
N PRO E 44 -2.31 23.46 -7.32
CA PRO E 44 -2.23 22.00 -7.18
C PRO E 44 -3.58 21.34 -7.42
N LYS E 45 -3.53 20.11 -7.93
CA LYS E 45 -4.72 19.32 -8.17
C LYS E 45 -4.62 18.02 -7.37
N LEU E 46 -5.70 17.67 -6.67
CA LEU E 46 -5.72 16.47 -5.86
C LEU E 46 -5.86 15.24 -6.74
N LEU E 47 -4.88 14.34 -6.68
CA LEU E 47 -4.93 13.09 -7.43
C LEU E 47 -5.39 11.92 -6.56
N ILE E 48 -4.68 11.67 -5.46
CA ILE E 48 -4.88 10.45 -4.68
C ILE E 48 -5.25 10.86 -3.25
N SER E 49 -6.24 10.18 -2.69
CA SER E 49 -6.73 10.48 -1.36
C SER E 49 -6.74 9.22 -0.52
N ALA E 50 -6.54 9.39 0.79
CA ALA E 50 -6.44 8.29 1.75
C ALA E 50 -5.38 7.27 1.34
N ALA E 51 -4.40 7.73 0.56
CA ALA E 51 -3.25 6.93 0.11
C ALA E 51 -3.65 5.82 -0.85
N SER E 52 -4.94 5.62 -1.07
CA SER E 52 -5.39 4.59 -2.02
C SER E 52 -6.57 4.99 -2.89
N THR E 53 -7.32 6.04 -2.58
CA THR E 53 -8.60 6.30 -3.22
C THR E 53 -8.41 7.25 -4.39
N LEU E 54 -8.72 6.77 -5.60
CA LEU E 54 -8.72 7.62 -6.78
C LEU E 54 -9.85 8.63 -6.70
N GLN E 55 -9.55 9.88 -7.05
CA GLN E 55 -10.56 10.92 -7.08
C GLN E 55 -11.34 10.87 -8.40
N SER E 56 -12.43 11.63 -8.46
CA SER E 56 -13.24 11.67 -9.67
C SER E 56 -12.54 12.47 -10.75
N GLY E 57 -12.68 12.01 -11.99
CA GLY E 57 -12.11 12.70 -13.12
C GLY E 57 -10.62 12.55 -13.28
N VAL E 58 -9.99 11.62 -12.57
CA VAL E 58 -8.55 11.40 -12.65
C VAL E 58 -8.31 10.10 -13.42
N PRO E 59 -7.39 10.08 -14.37
CA PRO E 59 -7.10 8.83 -15.09
C PRO E 59 -6.66 7.73 -14.15
N SER E 60 -7.04 6.49 -14.48
CA SER E 60 -6.74 5.35 -13.64
C SER E 60 -5.27 4.98 -13.60
N ARG E 61 -4.45 5.57 -14.46
CA ARG E 61 -3.01 5.28 -14.44
C ARG E 61 -2.39 5.70 -13.11
N PHE E 62 -2.80 6.86 -12.59
CA PHE E 62 -2.38 7.26 -11.24
C PHE E 62 -2.92 6.26 -10.23
N SER E 63 -2.06 5.82 -9.32
CA SER E 63 -2.47 4.85 -8.31
C SER E 63 -1.67 5.10 -7.04
N GLY E 64 -2.33 4.93 -5.90
CA GLY E 64 -1.70 5.10 -4.60
C GLY E 64 -1.66 3.79 -3.86
N SER E 65 -0.57 3.55 -3.13
CA SER E 65 -0.44 2.33 -2.34
C SER E 65 0.40 2.64 -1.11
N GLY E 66 0.42 1.70 -0.18
CA GLY E 66 1.20 1.84 1.03
C GLY E 66 0.36 2.29 2.20
N SER E 67 1.01 2.35 3.36
CA SER E 67 0.37 2.66 4.62
C SER E 67 1.42 2.72 5.71
N GLY E 68 1.09 3.37 6.81
CA GLY E 68 2.00 3.44 7.94
C GLY E 68 2.99 4.57 7.79
N THR E 69 4.22 4.22 7.37
CA THR E 69 5.27 5.20 7.16
C THR E 69 5.71 5.32 5.70
N ASP E 70 5.30 4.40 4.82
CA ASP E 70 5.73 4.40 3.43
C ASP E 70 4.51 4.45 2.53
N PHE E 71 4.54 5.36 1.54
CA PHE E 71 3.47 5.49 0.57
C PHE E 71 4.08 5.63 -0.82
N THR E 72 3.42 5.04 -1.82
CA THR E 72 3.91 5.03 -3.18
C THR E 72 2.85 5.56 -4.14
N LEU E 73 3.29 6.41 -5.06
CA LEU E 73 2.47 6.93 -6.15
C LEU E 73 3.02 6.37 -7.46
N THR E 74 2.14 5.76 -8.25
CA THR E 74 2.56 5.02 -9.44
C THR E 74 1.77 5.49 -10.66
N ILE E 75 2.50 5.68 -11.76
CA ILE E 75 1.90 5.99 -13.06
C ILE E 75 2.32 4.90 -14.02
N THR E 76 1.34 4.34 -14.75
CA THR E 76 1.61 3.24 -15.67
C THR E 76 1.91 3.73 -17.08
N SER E 77 0.96 4.43 -17.70
CA SER E 77 1.14 5.02 -19.02
C SER E 77 1.31 6.51 -18.82
N LEU E 78 2.56 6.97 -18.86
CA LEU E 78 2.89 8.35 -18.49
C LEU E 78 2.72 9.22 -19.72
N GLN E 79 1.60 9.93 -19.79
CA GLN E 79 1.28 10.78 -20.92
C GLN E 79 2.15 12.03 -20.92
N PRO E 80 2.28 12.69 -22.09
CA PRO E 80 3.14 13.89 -22.14
C PRO E 80 2.65 15.04 -21.27
N GLU E 81 1.37 15.09 -20.91
CA GLU E 81 0.85 16.15 -20.07
C GLU E 81 1.05 15.90 -18.58
N ASP E 82 1.66 14.78 -18.20
CA ASP E 82 1.81 14.38 -16.81
C ASP E 82 3.22 14.64 -16.27
N PHE E 83 3.99 15.51 -16.92
CA PHE E 83 5.34 15.84 -16.44
C PHE E 83 5.30 17.03 -15.49
N ALA E 84 4.46 16.95 -14.46
CA ALA E 84 4.31 18.01 -13.47
C ALA E 84 5.03 17.64 -12.19
N THR E 85 4.85 18.46 -11.16
CA THR E 85 5.41 18.20 -9.84
C THR E 85 4.35 17.52 -8.97
N TYR E 86 4.81 16.64 -8.08
CA TYR E 86 3.90 15.87 -7.24
C TYR E 86 4.27 16.07 -5.78
N TYR E 87 3.26 16.29 -4.95
CA TYR E 87 3.44 16.53 -3.53
C TYR E 87 2.67 15.50 -2.72
N CYS E 88 3.25 15.09 -1.58
CA CYS E 88 2.56 14.26 -0.61
C CYS E 88 2.26 15.10 0.63
N GLN E 89 1.02 15.03 1.11
CA GLN E 89 0.56 15.84 2.23
C GLN E 89 -0.11 14.92 3.26
N GLN E 90 0.26 15.08 4.52
CA GLN E 90 -0.30 14.30 5.60
C GLN E 90 -1.35 15.10 6.37
N SER E 91 -2.38 14.40 6.83
CA SER E 91 -3.42 14.99 7.66
C SER E 91 -3.56 14.22 8.97
N TYR E 92 -2.41 13.84 9.56
CA TYR E 92 -2.41 13.05 10.78
C TYR E 92 -2.31 13.92 12.02
N SER E 93 -1.31 14.81 12.07
CA SER E 93 -1.09 15.66 13.22
C SER E 93 -2.31 16.53 13.50
N THR E 94 -2.76 16.53 14.75
CA THR E 94 -4.05 17.13 15.08
C THR E 94 -4.05 18.67 15.09
N PRO E 95 -3.25 19.36 15.93
CA PRO E 95 -3.58 20.77 16.20
C PRO E 95 -3.42 21.69 15.00
N ARG E 96 -2.21 21.78 14.45
CA ARG E 96 -1.92 22.55 13.24
C ARG E 96 -0.87 21.86 12.38
N GLY E 97 -0.72 20.55 12.52
CA GLY E 97 0.42 19.87 11.94
C GLY E 97 0.21 19.32 10.55
N LEU E 98 -0.75 19.89 9.81
CA LEU E 98 -0.94 19.51 8.41
C LEU E 98 0.19 20.10 7.58
N SER E 99 1.02 19.25 6.99
CA SER E 99 2.21 19.69 6.28
C SER E 99 2.33 18.96 4.94
N PHE E 100 2.99 19.61 4.00
CA PHE E 100 3.23 19.06 2.67
C PHE E 100 4.66 18.56 2.55
N GLY E 101 4.90 17.74 1.53
CA GLY E 101 6.23 17.24 1.25
C GLY E 101 7.04 18.23 0.44
N GLY E 102 8.29 17.85 0.19
CA GLY E 102 9.19 18.69 -0.59
C GLY E 102 8.87 18.74 -2.06
N GLY E 103 8.14 17.75 -2.57
CA GLY E 103 7.74 17.74 -3.96
C GLY E 103 8.73 17.04 -4.87
N THR E 104 8.23 16.05 -5.63
CA THR E 104 9.04 15.33 -6.60
C THR E 104 8.71 15.84 -8.00
N LYS E 105 9.74 16.30 -8.71
CA LYS E 105 9.56 16.82 -10.06
C LYS E 105 9.77 15.70 -11.08
N VAL E 106 8.79 15.53 -11.96
CA VAL E 106 8.86 14.56 -13.04
C VAL E 106 8.98 15.32 -14.35
N GLU E 107 9.96 14.95 -15.17
CA GLU E 107 10.27 15.68 -16.38
C GLU E 107 10.84 14.71 -17.41
N ILE E 108 10.81 15.12 -18.68
CA ILE E 108 11.07 14.22 -19.80
C ILE E 108 12.50 13.69 -19.76
N LYS E 109 12.72 12.59 -20.48
CA LYS E 109 14.05 12.03 -20.63
C LYS E 109 14.43 12.02 -22.11
N ARG E 110 15.63 12.53 -22.41
CA ARG E 110 16.13 12.59 -23.78
C ARG E 110 17.60 12.21 -23.79
N THR E 111 18.21 12.28 -24.97
CA THR E 111 19.63 12.00 -25.09
C THR E 111 20.46 13.13 -24.51
N VAL E 112 21.64 12.77 -23.99
CA VAL E 112 22.53 13.76 -23.41
C VAL E 112 23.14 14.60 -24.52
N ALA E 113 23.09 15.92 -24.36
CA ALA E 113 23.61 16.85 -25.35
C ALA E 113 24.57 17.82 -24.68
N ALA E 114 25.75 17.99 -25.28
CA ALA E 114 26.75 18.88 -24.72
C ALA E 114 26.36 20.33 -24.93
N PRO E 115 26.72 21.22 -24.01
CA PRO E 115 26.35 22.63 -24.14
C PRO E 115 27.33 23.41 -25.00
N SER E 116 26.97 24.65 -25.27
CA SER E 116 27.85 25.66 -25.83
C SER E 116 28.05 26.75 -24.78
N VAL E 117 29.30 27.06 -24.47
CA VAL E 117 29.64 27.92 -23.34
C VAL E 117 30.27 29.21 -23.85
N PHE E 118 29.72 30.33 -23.41
CA PHE E 118 30.15 31.64 -23.87
C PHE E 118 30.44 32.52 -22.65
N ILE E 119 31.20 33.59 -22.88
CA ILE E 119 31.51 34.59 -21.85
C ILE E 119 31.11 35.96 -22.36
N PHE E 120 30.36 36.69 -21.53
CA PHE E 120 29.98 38.07 -21.81
C PHE E 120 30.66 38.99 -20.80
N PRO E 121 31.66 39.76 -21.21
CA PRO E 121 32.24 40.76 -20.31
C PRO E 121 31.31 41.95 -20.16
N PRO E 122 31.47 42.73 -19.10
CA PRO E 122 30.66 43.95 -18.96
C PRO E 122 30.98 44.96 -20.05
N SER E 123 30.01 45.81 -20.34
CA SER E 123 30.09 46.76 -21.44
C SER E 123 30.58 48.12 -20.94
N ASP E 124 31.14 48.90 -21.87
CA ASP E 124 31.61 50.24 -21.53
C ASP E 124 30.47 51.11 -21.03
N GLU E 125 29.29 50.97 -21.64
CA GLU E 125 28.12 51.72 -21.17
C GLU E 125 27.81 51.38 -19.71
N GLN E 126 27.83 50.08 -19.38
CA GLN E 126 27.67 49.70 -17.98
C GLN E 126 28.88 50.08 -17.15
N LEU E 127 30.06 50.15 -17.78
CA LEU E 127 31.27 50.54 -17.05
C LEU E 127 31.20 51.99 -16.58
N LYS E 128 30.56 52.87 -17.35
CA LYS E 128 30.48 54.28 -16.96
C LYS E 128 29.69 54.47 -15.67
N SER E 129 28.88 53.50 -15.26
CA SER E 129 28.01 53.62 -14.10
C SER E 129 28.60 53.02 -12.83
N GLY E 130 29.86 52.62 -12.86
CA GLY E 130 30.49 52.10 -11.66
C GLY E 130 30.05 50.72 -11.24
N THR E 131 29.39 49.97 -12.13
CA THR E 131 28.97 48.61 -11.87
C THR E 131 29.48 47.71 -12.99
N ALA E 132 29.95 46.52 -12.63
CA ALA E 132 30.43 45.57 -13.62
C ALA E 132 29.67 44.25 -13.45
N SER E 133 29.20 43.70 -14.56
CA SER E 133 28.54 42.40 -14.56
C SER E 133 29.25 41.50 -15.56
N VAL E 134 29.74 40.36 -15.08
CA VAL E 134 30.44 39.39 -15.92
C VAL E 134 29.59 38.13 -15.96
N VAL E 135 29.24 37.68 -17.17
CA VAL E 135 28.28 36.61 -17.37
C VAL E 135 28.97 35.44 -18.08
N CYS E 136 28.62 34.23 -17.67
CA CYS E 136 28.95 33.03 -18.43
C CYS E 136 27.65 32.31 -18.77
N LEU E 137 27.52 31.91 -20.03
CA LEU E 137 26.26 31.41 -20.57
C LEU E 137 26.44 29.98 -21.08
N LEU E 138 25.53 29.10 -20.65
CA LEU E 138 25.50 27.70 -21.09
C LEU E 138 24.24 27.51 -21.91
N ASN E 139 24.40 27.09 -23.16
CA ASN E 139 23.29 26.91 -24.08
C ASN E 139 23.13 25.43 -24.41
N ASN E 140 21.93 24.91 -24.17
CA ASN E 140 21.52 23.57 -24.61
C ASN E 140 22.43 22.49 -24.03
N PHE E 141 22.38 22.35 -22.71
CA PHE E 141 23.01 21.24 -22.02
C PHE E 141 21.96 20.27 -21.50
N TYR E 142 22.36 19.00 -21.37
CA TYR E 142 21.51 17.96 -20.83
C TYR E 142 22.39 16.82 -20.38
N PRO E 143 22.17 16.23 -19.20
CA PRO E 143 21.09 16.55 -18.27
C PRO E 143 21.32 17.85 -17.49
N ARG E 144 20.35 18.23 -16.65
CA ARG E 144 20.32 19.58 -16.10
C ARG E 144 21.54 19.87 -15.22
N GLU E 145 21.89 18.94 -14.33
CA GLU E 145 22.96 19.21 -13.37
C GLU E 145 24.29 19.42 -14.08
N ALA E 146 24.99 20.48 -13.69
CA ALA E 146 26.30 20.82 -14.25
C ALA E 146 27.00 21.73 -13.25
N LYS E 147 28.32 21.87 -13.41
CA LYS E 147 29.12 22.66 -12.51
C LYS E 147 29.71 23.86 -13.25
N VAL E 148 29.55 25.04 -12.66
CA VAL E 148 30.11 26.28 -13.20
C VAL E 148 30.99 26.92 -12.14
N GLN E 149 32.14 27.42 -12.57
CA GLN E 149 33.11 28.04 -11.67
C GLN E 149 33.64 29.29 -12.34
N TRP E 150 34.14 30.22 -11.53
CA TRP E 150 34.58 31.53 -12.03
C TRP E 150 36.06 31.73 -11.66
N LYS E 151 36.94 31.51 -12.63
CA LYS E 151 38.38 31.67 -12.43
C LYS E 151 38.77 33.07 -12.89
N VAL E 152 38.98 33.96 -11.94
CA VAL E 152 39.43 35.33 -12.22
C VAL E 152 40.94 35.33 -12.05
N ASP E 153 41.65 35.18 -13.17
CA ASP E 153 43.11 35.05 -13.18
C ASP E 153 43.55 33.89 -12.28
N ASN E 154 42.96 32.71 -12.54
CA ASN E 154 43.25 31.49 -11.81
C ASN E 154 42.92 31.61 -10.32
N ALA E 155 41.89 32.39 -9.99
CA ALA E 155 41.40 32.51 -8.62
C ALA E 155 39.98 31.95 -8.56
N LEU E 156 39.75 31.01 -7.65
CA LEU E 156 38.46 30.34 -7.53
C LEU E 156 37.54 31.20 -6.66
N GLN E 157 36.84 32.13 -7.30
CA GLN E 157 35.93 33.02 -6.58
C GLN E 157 34.69 32.27 -6.13
N SER E 158 34.08 32.74 -5.04
CA SER E 158 32.86 32.16 -4.53
C SER E 158 32.12 33.20 -3.69
N GLY E 159 30.81 33.00 -3.55
CA GLY E 159 29.99 33.88 -2.75
C GLY E 159 29.46 35.10 -3.47
N ASN E 160 29.97 35.41 -4.66
CA ASN E 160 29.54 36.56 -5.43
C ASN E 160 28.95 36.14 -6.78
N SER E 161 28.42 34.92 -6.85
CA SER E 161 27.89 34.36 -8.08
C SER E 161 26.39 34.15 -7.94
N GLN E 162 25.64 34.57 -8.96
CA GLN E 162 24.20 34.32 -9.03
C GLN E 162 23.91 33.48 -10.26
N GLU E 163 23.22 32.36 -10.06
CA GLU E 163 22.98 31.40 -11.13
C GLU E 163 21.49 31.26 -11.38
N SER E 164 21.12 31.22 -12.66
CA SER E 164 19.74 31.01 -13.08
C SER E 164 19.71 29.95 -14.17
N VAL E 165 18.58 29.24 -14.26
CA VAL E 165 18.41 28.19 -15.26
C VAL E 165 17.03 28.33 -15.90
N THR E 166 16.97 28.02 -17.19
CA THR E 166 15.72 28.07 -17.94
C THR E 166 14.89 26.83 -17.63
N GLU E 167 13.57 26.96 -17.79
CA GLU E 167 12.68 25.82 -17.72
C GLU E 167 12.94 24.91 -18.93
N GLN E 168 12.52 23.64 -18.79
CA GLN E 168 12.75 22.67 -19.85
C GLN E 168 12.06 23.12 -21.14
N ASP E 169 12.82 23.12 -22.24
CA ASP E 169 12.33 23.64 -23.49
C ASP E 169 11.33 22.67 -24.13
N SER E 170 10.48 23.21 -25.00
CA SER E 170 9.50 22.41 -25.71
C SER E 170 9.95 21.98 -27.10
N LYS E 171 11.08 22.52 -27.59
CA LYS E 171 11.58 22.18 -28.91
C LYS E 171 12.69 21.13 -28.86
N ASP E 172 13.77 21.44 -28.14
CA ASP E 172 14.91 20.53 -28.02
C ASP E 172 15.05 19.95 -26.62
N SER E 173 14.22 20.37 -25.67
CA SER E 173 14.15 19.77 -24.34
C SER E 173 15.47 19.88 -23.59
N THR E 174 16.21 20.95 -23.82
CA THR E 174 17.49 21.19 -23.16
C THR E 174 17.32 22.29 -22.10
N TYR E 175 18.45 22.69 -21.51
CA TYR E 175 18.47 23.72 -20.50
C TYR E 175 19.53 24.77 -20.84
N SER E 176 19.34 25.96 -20.29
CA SER E 176 20.29 27.07 -20.45
C SER E 176 20.56 27.67 -19.08
N LEU E 177 21.82 27.96 -18.80
CA LEU E 177 22.23 28.41 -17.47
C LEU E 177 23.04 29.69 -17.58
N SER E 178 22.75 30.66 -16.72
CA SER E 178 23.46 31.93 -16.70
C SER E 178 24.09 32.11 -15.33
N SER E 179 25.40 32.39 -15.31
CA SER E 179 26.12 32.69 -14.09
C SER E 179 26.63 34.13 -14.17
N THR E 180 26.31 34.93 -13.16
CA THR E 180 26.64 36.35 -13.16
C THR E 180 27.44 36.72 -11.92
N LEU E 181 28.46 37.54 -12.12
CA LEU E 181 29.24 38.15 -11.05
C LEU E 181 29.07 39.66 -11.11
N THR E 182 28.76 40.26 -9.97
CA THR E 182 28.67 41.70 -9.81
C THR E 182 29.95 42.20 -9.14
N LEU E 183 30.53 43.27 -9.69
CA LEU E 183 31.83 43.75 -9.24
C LEU E 183 31.85 45.27 -9.27
N SER E 184 32.76 45.83 -8.47
CA SER E 184 33.02 47.26 -8.44
C SER E 184 34.16 47.58 -9.40
N LYS E 185 34.69 48.80 -9.33
CA LYS E 185 35.73 49.21 -10.26
C LYS E 185 37.08 48.57 -9.94
N ALA E 186 37.46 48.51 -8.66
CA ALA E 186 38.72 47.88 -8.31
C ALA E 186 38.67 46.38 -8.61
N ASP E 187 37.53 45.75 -8.40
CA ASP E 187 37.38 44.33 -8.66
C ASP E 187 37.64 43.99 -10.12
N TYR E 188 37.40 44.93 -11.03
CA TYR E 188 37.61 44.68 -12.45
C TYR E 188 38.87 45.33 -13.00
N GLU E 189 39.47 46.27 -12.26
CA GLU E 189 40.73 46.87 -12.66
C GLU E 189 41.92 46.31 -11.90
N LYS E 190 41.72 45.30 -11.06
CA LYS E 190 42.83 44.65 -10.35
C LYS E 190 43.32 43.40 -11.05
N HIS E 191 42.47 42.71 -11.80
CA HIS E 191 42.80 41.43 -12.41
C HIS E 191 43.03 41.59 -13.91
N LYS E 192 43.50 40.51 -14.53
CA LYS E 192 43.78 40.50 -15.96
C LYS E 192 42.99 39.44 -16.71
N VAL E 193 42.98 38.20 -16.23
CA VAL E 193 42.41 37.06 -16.95
C VAL E 193 41.07 36.70 -16.31
N TYR E 194 40.03 36.62 -17.13
CA TYR E 194 38.72 36.19 -16.68
C TYR E 194 38.36 34.88 -17.38
N ALA E 195 37.71 33.98 -16.66
CA ALA E 195 37.35 32.71 -17.27
C ALA E 195 36.18 32.08 -16.50
N CYS E 196 35.33 31.38 -17.24
CA CYS E 196 34.31 30.53 -16.64
C CYS E 196 34.60 29.08 -16.99
N GLU E 197 34.53 28.22 -15.98
CA GLU E 197 34.87 26.81 -16.05
C GLU E 197 33.56 26.01 -16.03
N VAL E 198 33.39 25.12 -17.00
CA VAL E 198 32.18 24.31 -17.11
C VAL E 198 32.57 22.84 -17.03
N THR E 199 31.90 22.11 -16.14
CA THR E 199 32.06 20.67 -15.99
C THR E 199 30.70 20.02 -16.17
N HIS E 200 30.55 19.23 -17.23
CA HIS E 200 29.27 18.65 -17.58
C HIS E 200 29.49 17.22 -18.08
N GLN E 201 28.48 16.38 -17.88
CA GLN E 201 28.60 14.97 -18.25
C GLN E 201 28.78 14.81 -19.76
N GLY E 202 28.03 15.58 -20.55
CA GLY E 202 28.16 15.53 -21.99
C GLY E 202 29.44 16.11 -22.55
N LEU E 203 30.23 16.78 -21.71
CA LEU E 203 31.53 17.29 -22.12
C LEU E 203 32.59 16.24 -21.83
N SER E 204 33.38 15.90 -22.85
CA SER E 204 34.45 14.91 -22.67
C SER E 204 35.46 15.38 -21.64
N SER E 205 35.84 16.64 -21.68
CA SER E 205 36.74 17.25 -20.72
C SER E 205 36.16 18.57 -20.23
N PRO E 206 36.50 18.99 -19.02
CA PRO E 206 36.06 20.30 -18.54
C PRO E 206 36.53 21.41 -19.46
N VAL E 207 35.67 22.40 -19.68
CA VAL E 207 35.89 23.42 -20.70
C VAL E 207 36.11 24.77 -20.03
N THR E 208 37.12 25.50 -20.48
CA THR E 208 37.41 26.84 -19.98
C THR E 208 37.12 27.86 -21.08
N LYS E 209 36.35 28.88 -20.73
CA LYS E 209 36.10 30.01 -21.63
C LYS E 209 36.73 31.24 -20.99
N SER E 210 37.83 31.73 -21.58
CA SER E 210 38.64 32.76 -20.96
C SER E 210 38.81 33.94 -21.93
N PHE E 211 39.19 35.07 -21.35
CA PHE E 211 39.52 36.28 -22.10
C PHE E 211 40.37 37.19 -21.24
N ASN E 212 40.98 38.18 -21.90
CA ASN E 212 41.84 39.16 -21.25
C ASN E 212 41.24 40.55 -21.46
N ARG E 213 41.20 41.34 -20.39
CA ARG E 213 40.61 42.68 -20.48
C ARG E 213 41.38 43.58 -21.43
N GLY E 214 42.72 43.56 -21.33
CA GLY E 214 43.52 44.48 -22.11
C GLY E 214 43.42 44.24 -23.60
N GLU E 215 43.53 42.98 -24.01
CA GLU E 215 43.45 42.67 -25.44
C GLU E 215 42.08 42.99 -26.00
N CYS E 216 41.02 42.64 -25.27
CA CYS E 216 39.66 42.86 -25.76
C CYS E 216 38.79 43.51 -24.69
C1 NAG F . -14.72 -4.57 36.50
C2 NAG F . -13.70 -5.45 35.77
C3 NAG F . -12.57 -5.84 36.71
C4 NAG F . -11.97 -4.59 37.36
C5 NAG F . -13.07 -3.76 38.01
C6 NAG F . -12.56 -2.46 38.59
C7 NAG F . -14.83 -6.72 33.98
C8 NAG F . -15.45 -8.03 33.61
N2 NAG F . -14.34 -6.64 35.23
O3 NAG F . -11.57 -6.55 36.00
O4 NAG F . -11.02 -4.97 38.35
O5 NAG F . -14.06 -3.42 37.04
O6 NAG F . -12.98 -2.29 39.93
O7 NAG F . -14.76 -5.78 33.20
#